data_9NJY
#
_entry.id   9NJY
#
_cell.length_a   60.582
_cell.length_b   66.164
_cell.length_c   107.875
_cell.angle_alpha   90.000
_cell.angle_beta   90.583
_cell.angle_gamma   90.000
#
_symmetry.space_group_name_H-M   'P 1 21 1'
#
loop_
_entity.id
_entity.type
_entity.pdbx_description
1 polymer 'Clumping factor A'
2 polymer 'Human antibody, heavy chain fragment, antigen binding'
3 polymer 'Human antibody, light chain, antigen binding'
4 non-polymer GLYCEROL
5 water water
#
loop_
_entity_poly.entity_id
_entity_poly.type
_entity_poly.pdbx_seq_one_letter_code
_entity_poly.pdbx_strand_id
1 'polypeptide(L)'
;AGTDITNQLTDVKVTIDSGTTVYPHQAGYVKLNYGFSVPNSAVKGDTFKITVPKELNLNGVTSTAKVPPIMAGDQVLANG
VIDSDGNVIYTFTDYVDNKENVTANITMPAYIDPENVTKTGNVTLTTGIGTNTASKTVLIDYEKYGQFHNLSIKGTIDQI
DKTNNTYRQTIYVNPSGDNVVLPALTGNLIPNTKSNALIDAKNTDIKVYRVDNANDLSESYYVNPSDFEDVTNQVRISFP
NANQYKVEFPTDDDQITTPYIVVVNGHIDPASTGDLALRSTFYGYDSNFIWRSMSWDNEVAF
;
A
2 'polypeptide(L)'
;EVQLQESGPGLVKPSETLSLTCTVSGGSINNSYWSWIRQPPGKGLEWIGYLYSSGRTNYTPSLKSRVTMSVDTSKNQFSL
KLSSVTAADTALYYCARTHLGGFHYGGGFWFDPWGQGTLVTVSSASTKGPSVFPLAPSSKSTSGGTAALGCLVKDYFPEP
VTVSWNSGALTSGVHTFPAVLQSSGLYSLSSVVTVPSSSLGTQTYICNVNHKPSNTKVDKKVEPK
;
H
3 'polypeptide(L)'
;DIVMTQSPSSLSASVGDRVTITCRASQSITSYLNWYQQKPGKAPKLLIYASSSLQSGVPSRFSGSGSGTDFTLTISSLQP
EDFATFYCQESYSTPPTFGQGTKVEIKRTVAAPSVFIFPPSDEQLKSGTASVVCLLNNFYPREAKVQWKVDNALQSGNSQ
ESVTEQDSKDSTYSLSSTLTLSKADYEKHKVYACEVTHQGLSSPVTKSFNRGEC
;
L
#
loop_
_chem_comp.id
_chem_comp.type
_chem_comp.name
_chem_comp.formula
GOL non-polymer GLYCEROL 'C3 H8 O3'
#
# COMPACT_ATOMS: atom_id res chain seq x y z
N ALA A 1 14.70 37.70 66.48
CA ALA A 1 14.59 36.67 67.55
C ALA A 1 15.46 35.47 67.20
N GLY A 2 15.27 34.92 65.99
CA GLY A 2 16.13 33.90 65.45
C GLY A 2 17.29 34.53 64.68
N THR A 3 18.48 33.91 64.78
CA THR A 3 19.67 34.40 64.12
C THR A 3 20.05 33.45 62.99
N ASP A 4 20.44 34.01 61.84
CA ASP A 4 21.11 33.26 60.79
C ASP A 4 22.55 33.01 61.24
N ILE A 5 22.85 31.75 61.59
CA ILE A 5 24.15 31.40 62.16
C ILE A 5 24.99 30.64 61.13
N THR A 6 24.66 30.78 59.84
CA THR A 6 25.42 30.17 58.77
C THR A 6 26.92 30.37 59.01
N ASN A 7 27.32 31.62 59.27
CA ASN A 7 28.73 32.01 59.31
C ASN A 7 29.41 31.50 60.58
N GLN A 8 28.63 30.98 61.55
CA GLN A 8 29.15 30.50 62.83
C GLN A 8 29.36 28.99 62.82
N LEU A 9 28.91 28.30 61.77
CA LEU A 9 29.17 26.87 61.66
C LEU A 9 30.65 26.67 61.43
N THR A 10 31.18 25.51 61.87
CA THR A 10 32.57 25.17 61.63
C THR A 10 32.66 23.78 61.03
N ASP A 11 33.86 23.44 60.53
CA ASP A 11 34.15 22.13 59.97
C ASP A 11 33.16 21.80 58.86
N VAL A 12 32.80 22.82 58.07
CA VAL A 12 31.78 22.67 57.06
C VAL A 12 32.37 21.89 55.89
N LYS A 13 31.80 20.70 55.62
CA LYS A 13 32.24 19.84 54.54
C LYS A 13 31.09 19.72 53.53
N VAL A 14 31.33 20.15 52.30
CA VAL A 14 30.34 20.11 51.24
C VAL A 14 30.90 19.27 50.10
N THR A 15 30.12 18.28 49.64
CA THR A 15 30.56 17.47 48.50
C THR A 15 29.39 17.25 47.55
N ILE A 16 29.74 17.15 46.27
CA ILE A 16 28.81 16.74 45.23
C ILE A 16 29.26 15.37 44.74
N ASP A 17 28.43 14.35 44.96
CA ASP A 17 28.76 12.99 44.59
C ASP A 17 28.02 12.63 43.30
N SER A 18 28.79 12.31 42.26
CA SER A 18 28.24 11.86 40.99
C SER A 18 29.35 11.19 40.19
N GLY A 19 28.97 10.61 39.04
CA GLY A 19 29.93 10.23 38.03
C GLY A 19 30.23 11.41 37.10
N THR A 20 30.93 11.12 36.00
CA THR A 20 31.35 12.09 35.01
C THR A 20 30.12 12.70 34.33
N THR A 21 29.12 11.86 34.08
CA THR A 21 27.94 12.22 33.31
C THR A 21 26.70 11.99 34.16
N VAL A 22 25.73 12.90 34.02
CA VAL A 22 24.41 12.71 34.60
C VAL A 22 23.41 12.59 33.45
N TYR A 23 22.56 11.56 33.53
CA TYR A 23 21.55 11.26 32.52
C TYR A 23 20.18 11.53 33.11
N PRO A 24 19.63 12.77 33.01
CA PRO A 24 18.37 13.08 33.69
C PRO A 24 17.18 12.21 33.29
N HIS A 25 17.16 11.80 32.02
CA HIS A 25 16.02 11.06 31.49
C HIS A 25 16.11 9.58 31.84
N GLN A 26 17.24 9.17 32.46
CA GLN A 26 17.36 7.87 33.11
C GLN A 26 17.09 7.98 34.61
N ALA A 27 16.53 9.12 35.04
CA ALA A 27 16.28 9.46 36.43
C ALA A 27 17.58 9.50 37.23
N GLY A 28 18.67 9.88 36.55
CA GLY A 28 19.94 10.11 37.22
C GLY A 28 19.89 11.32 38.13
N TYR A 29 20.75 11.32 39.15
CA TYR A 29 20.76 12.37 40.16
C TYR A 29 22.17 12.53 40.68
N VAL A 30 22.43 13.69 41.28
CA VAL A 30 23.63 13.88 42.08
C VAL A 30 23.24 13.76 43.56
N LYS A 31 24.23 13.45 44.40
CA LYS A 31 24.04 13.45 45.85
C LYS A 31 24.75 14.66 46.44
N LEU A 32 23.98 15.51 47.11
CA LEU A 32 24.51 16.68 47.81
C LEU A 32 24.71 16.30 49.28
N ASN A 33 25.94 16.47 49.77
CA ASN A 33 26.31 16.07 51.12
C ASN A 33 26.84 17.29 51.89
N TYR A 34 26.33 17.46 53.12
CA TYR A 34 26.71 18.58 53.98
C TYR A 34 26.96 18.05 55.39
N GLY A 35 28.15 18.33 55.92
CA GLY A 35 28.49 18.02 57.29
C GLY A 35 29.05 19.27 57.97
N PHE A 36 28.78 19.44 59.27
CA PHE A 36 29.25 20.62 59.96
C PHE A 36 29.12 20.45 61.48
N SER A 37 29.85 21.30 62.20
CA SER A 37 29.70 21.44 63.63
C SER A 37 28.87 22.69 63.92
N VAL A 38 27.96 22.56 64.90
CA VAL A 38 27.07 23.65 65.29
C VAL A 38 27.70 24.37 66.47
N PRO A 39 27.66 25.73 66.52
CA PRO A 39 28.21 26.47 67.66
C PRO A 39 27.40 26.20 68.92
N ASN A 40 28.09 26.18 70.07
CA ASN A 40 27.46 25.90 71.36
C ASN A 40 26.39 26.94 71.68
N SER A 41 26.49 28.13 71.08
CA SER A 41 25.59 29.24 71.35
C SER A 41 24.26 29.10 70.60
N ALA A 42 24.12 28.08 69.74
CA ALA A 42 22.92 27.91 68.93
C ALA A 42 21.72 27.58 69.81
N VAL A 43 20.56 28.16 69.44
CA VAL A 43 19.31 27.95 70.16
C VAL A 43 18.19 27.69 69.14
N LYS A 44 17.04 27.22 69.66
CA LYS A 44 15.85 27.02 68.86
C LYS A 44 15.53 28.28 68.07
N GLY A 45 15.22 28.10 66.77
CA GLY A 45 14.78 29.20 65.93
C GLY A 45 15.91 29.80 65.10
N ASP A 46 17.16 29.47 65.46
CA ASP A 46 18.32 29.85 64.65
C ASP A 46 18.26 29.09 63.32
N THR A 47 18.80 29.71 62.27
CA THR A 47 18.71 29.18 60.93
C THR A 47 20.10 29.08 60.30
N PHE A 48 20.20 28.29 59.22
CA PHE A 48 21.31 28.39 58.29
C PHE A 48 20.78 28.09 56.88
N LYS A 49 21.53 28.53 55.87
CA LYS A 49 21.12 28.42 54.48
C LYS A 49 22.08 27.52 53.71
N ILE A 50 21.50 26.63 52.90
CA ILE A 50 22.22 25.91 51.86
C ILE A 50 21.91 26.57 50.52
N THR A 51 22.94 27.01 49.80
CA THR A 51 22.75 27.57 48.48
C THR A 51 22.73 26.43 47.46
N VAL A 52 21.63 26.35 46.71
CA VAL A 52 21.43 25.36 45.66
C VAL A 52 21.46 26.09 44.33
N PRO A 53 22.20 25.58 43.31
CA PRO A 53 22.32 26.27 42.03
C PRO A 53 21.05 26.11 41.18
N LYS A 54 20.88 27.06 40.24
CA LYS A 54 19.70 27.10 39.39
C LYS A 54 19.64 25.89 38.47
N GLU A 55 20.78 25.25 38.21
CA GLU A 55 20.82 24.07 37.35
C GLU A 55 20.19 22.85 38.01
N LEU A 56 19.98 22.88 39.34
CA LEU A 56 19.45 21.75 40.08
C LEU A 56 18.08 22.08 40.66
N ASN A 57 17.26 21.04 40.86
CA ASN A 57 16.10 21.11 41.73
C ASN A 57 16.10 19.90 42.65
N LEU A 58 15.20 19.90 43.63
CA LEU A 58 15.14 18.84 44.63
C LEU A 58 13.91 17.95 44.43
N ASN A 59 13.09 18.23 43.41
CA ASN A 59 11.84 17.51 43.20
C ASN A 59 11.99 16.43 42.11
N GLY A 60 12.78 16.70 41.07
CA GLY A 60 12.96 15.73 40.00
C GLY A 60 11.64 15.47 39.28
N VAL A 61 11.23 14.19 39.20
CA VAL A 61 10.05 13.81 38.44
C VAL A 61 8.77 14.14 39.21
N THR A 62 8.87 14.46 40.50
CA THR A 62 7.69 14.78 41.31
C THR A 62 7.44 16.29 41.24
N SER A 63 6.17 16.67 41.51
CA SER A 63 5.74 18.05 41.34
C SER A 63 6.27 18.94 42.47
N THR A 64 6.43 18.38 43.68
CA THR A 64 6.88 19.15 44.83
C THR A 64 8.06 18.44 45.48
N ALA A 65 8.90 19.22 46.14
CA ALA A 65 10.08 18.70 46.84
C ALA A 65 9.84 18.76 48.34
N LYS A 66 10.37 17.75 49.05
CA LYS A 66 10.35 17.71 50.51
C LYS A 66 11.78 17.57 51.01
N VAL A 67 12.21 18.55 51.81
CA VAL A 67 13.57 18.61 52.32
C VAL A 67 13.69 17.67 53.51
N PRO A 68 14.68 16.76 53.55
CA PRO A 68 14.80 15.82 54.68
C PRO A 68 15.22 16.53 55.97
N PRO A 69 14.63 16.17 57.13
CA PRO A 69 15.04 16.76 58.40
C PRO A 69 16.43 16.28 58.81
N ILE A 70 17.21 17.17 59.41
CA ILE A 70 18.51 16.80 59.95
C ILE A 70 18.26 16.17 61.32
N MET A 71 18.89 15.00 61.54
CA MET A 71 18.62 14.17 62.70
C MET A 71 19.82 14.13 63.63
N ALA A 72 19.55 14.01 64.93
CA ALA A 72 20.56 13.73 65.93
C ALA A 72 20.10 12.51 66.72
N GLY A 73 20.60 11.33 66.35
CA GLY A 73 20.03 10.07 66.79
C GLY A 73 18.63 9.88 66.21
N ASP A 74 17.62 9.81 67.09
CA ASP A 74 16.24 9.65 66.68
C ASP A 74 15.46 10.94 66.94
N GLN A 75 16.18 12.06 67.11
CA GLN A 75 15.54 13.34 67.35
C GLN A 75 15.82 14.28 66.18
N VAL A 76 14.89 15.21 65.95
CA VAL A 76 15.02 16.18 64.87
C VAL A 76 15.88 17.34 65.34
N LEU A 77 16.99 17.56 64.64
CA LEU A 77 17.90 18.67 64.93
C LEU A 77 17.45 19.93 64.19
N ALA A 78 16.98 19.78 62.96
CA ALA A 78 16.55 20.93 62.16
C ALA A 78 15.53 20.51 61.10
N ASN A 79 14.59 21.42 60.82
CA ASN A 79 13.61 21.26 59.76
C ASN A 79 13.91 22.25 58.64
N GLY A 80 13.79 21.80 57.39
CA GLY A 80 14.15 22.60 56.23
C GLY A 80 12.97 22.89 55.32
N VAL A 81 13.02 24.06 54.65
CA VAL A 81 12.10 24.42 53.60
C VAL A 81 12.90 24.98 52.44
N ILE A 82 12.31 24.94 51.24
CA ILE A 82 12.91 25.56 50.07
C ILE A 82 12.31 26.95 49.90
N ASP A 83 13.17 27.97 49.83
CA ASP A 83 12.75 29.35 49.69
C ASP A 83 12.49 29.64 48.20
N SER A 84 12.17 30.91 47.90
CA SER A 84 11.72 31.30 46.58
C SER A 84 12.88 31.40 45.59
N ASP A 85 14.12 31.37 46.10
CA ASP A 85 15.31 31.35 45.26
C ASP A 85 15.74 29.91 44.98
N GLY A 86 15.07 28.94 45.61
CA GLY A 86 15.42 27.53 45.46
C GLY A 86 16.46 27.09 46.49
N ASN A 87 16.88 28.00 47.36
CA ASN A 87 17.83 27.66 48.41
C ASN A 87 17.08 26.99 49.56
N VAL A 88 17.81 26.30 50.45
CA VAL A 88 17.21 25.59 51.57
C VAL A 88 17.53 26.33 52.86
N ILE A 89 16.46 26.64 53.63
CA ILE A 89 16.59 27.26 54.94
C ILE A 89 16.26 26.20 55.98
N TYR A 90 17.25 25.85 56.83
CA TYR A 90 17.05 24.96 57.94
C TYR A 90 16.90 25.77 59.23
N THR A 91 15.94 25.38 60.07
CA THR A 91 15.68 26.01 61.36
C THR A 91 15.92 24.98 62.47
N PHE A 92 16.77 25.31 63.43
CA PHE A 92 17.12 24.40 64.51
C PHE A 92 15.95 24.29 65.49
N THR A 93 15.78 23.09 66.05
CA THR A 93 14.77 22.80 67.05
C THR A 93 15.35 23.09 68.44
N ASP A 94 14.59 22.72 69.48
CA ASP A 94 15.03 22.89 70.86
C ASP A 94 16.05 21.83 71.24
N TYR A 95 16.39 20.90 70.32
CA TYR A 95 17.42 19.90 70.58
C TYR A 95 18.73 20.56 70.97
N VAL A 96 19.05 21.71 70.34
CA VAL A 96 20.33 22.36 70.54
C VAL A 96 20.36 23.09 71.89
N ASP A 97 19.18 23.41 72.43
CA ASP A 97 19.08 24.06 73.73
C ASP A 97 19.76 23.18 74.78
N ASN A 98 20.78 23.74 75.44
CA ASN A 98 21.51 23.07 76.50
C ASN A 98 22.26 21.85 75.96
N LYS A 99 22.95 22.03 74.82
CA LYS A 99 23.83 20.99 74.30
C LYS A 99 25.08 21.65 73.69
N GLU A 100 26.20 20.95 73.82
CA GLU A 100 27.47 21.37 73.25
C GLU A 100 28.01 20.24 72.38
N ASN A 101 28.96 20.58 71.50
CA ASN A 101 29.68 19.60 70.72
C ASN A 101 28.74 18.93 69.71
N VAL A 102 27.72 19.67 69.26
CA VAL A 102 26.69 19.14 68.36
C VAL A 102 27.21 19.18 66.93
N THR A 103 27.11 18.04 66.24
CA THR A 103 27.50 17.93 64.84
C THR A 103 26.34 17.32 64.06
N ALA A 104 26.39 17.48 62.73
CA ALA A 104 25.29 17.07 61.88
C ALA A 104 25.81 16.67 60.50
N ASN A 105 25.04 15.77 59.86
CA ASN A 105 25.26 15.39 58.48
C ASN A 105 23.90 15.28 57.81
N ILE A 106 23.81 15.72 56.55
CA ILE A 106 22.59 15.54 55.77
C ILE A 106 22.98 15.33 54.30
N THR A 107 22.34 14.33 53.69
CA THR A 107 22.47 14.07 52.27
C THR A 107 21.10 14.19 51.63
N MET A 108 21.05 14.71 50.41
CA MET A 108 19.80 14.74 49.68
C MET A 108 20.11 14.63 48.18
N PRO A 109 19.25 13.93 47.41
CA PRO A 109 19.45 13.84 45.96
C PRO A 109 19.05 15.17 45.32
N ALA A 110 19.72 15.51 44.23
CA ALA A 110 19.32 16.67 43.43
C ALA A 110 19.31 16.28 41.95
N TYR A 111 18.43 16.93 41.20
CA TYR A 111 18.13 16.58 39.82
C TYR A 111 18.40 17.77 38.91
N ILE A 112 18.75 17.49 37.65
CA ILE A 112 18.99 18.53 36.68
C ILE A 112 17.66 19.14 36.29
N ASP A 113 17.56 20.46 36.42
CA ASP A 113 16.33 21.17 36.12
C ASP A 113 16.17 21.31 34.62
N PRO A 114 15.08 20.79 34.02
CA PRO A 114 14.91 20.81 32.55
C PRO A 114 14.67 22.16 31.91
N GLU A 115 14.11 23.12 32.68
CA GLU A 115 13.90 24.48 32.18
C GLU A 115 15.22 25.24 32.13
N ASN A 116 16.08 25.04 33.15
CA ASN A 116 17.34 25.76 33.26
C ASN A 116 18.43 25.14 32.39
N VAL A 117 18.36 23.82 32.16
CA VAL A 117 19.35 23.10 31.37
C VAL A 117 18.62 22.41 30.23
N THR A 118 18.43 23.13 29.12
CA THR A 118 17.59 22.65 28.03
C THR A 118 18.37 21.76 27.08
N LYS A 119 19.71 21.80 27.12
CA LYS A 119 20.52 21.09 26.14
C LYS A 119 21.57 20.21 26.80
N THR A 120 21.96 19.16 26.06
CA THR A 120 23.08 18.31 26.42
C THR A 120 24.37 19.14 26.40
N GLY A 121 25.23 18.94 27.39
CA GLY A 121 26.51 19.62 27.46
C GLY A 121 27.02 19.72 28.90
N ASN A 122 28.26 20.21 29.06
CA ASN A 122 28.84 20.36 30.38
C ASN A 122 28.19 21.52 31.14
N VAL A 123 28.02 21.30 32.45
CA VAL A 123 27.63 22.35 33.38
C VAL A 123 28.52 22.23 34.61
N THR A 124 28.81 23.38 35.25
CA THR A 124 29.49 23.39 36.53
C THR A 124 28.45 23.61 37.63
N LEU A 125 28.32 22.62 38.51
CA LEU A 125 27.39 22.68 39.63
C LEU A 125 28.13 23.19 40.86
N THR A 126 27.58 24.22 41.53
CA THR A 126 28.16 24.75 42.75
C THR A 126 27.08 24.82 43.82
N THR A 127 27.40 24.30 45.01
CA THR A 127 26.52 24.36 46.17
C THR A 127 27.39 24.70 47.37
N GLY A 128 26.77 25.20 48.44
CA GLY A 128 27.56 25.59 49.60
C GLY A 128 26.72 25.99 50.80
N ILE A 129 27.44 26.16 51.91
CA ILE A 129 26.93 26.76 53.13
C ILE A 129 27.88 27.91 53.48
N GLY A 130 27.35 29.13 53.50
CA GLY A 130 28.18 30.32 53.59
C GLY A 130 29.20 30.38 52.45
N THR A 131 30.46 30.68 52.79
CA THR A 131 31.52 30.77 51.79
C THR A 131 32.22 29.42 51.64
N ASN A 132 31.68 28.36 52.26
CA ASN A 132 32.17 27.00 52.08
C ASN A 132 31.40 26.34 50.93
N THR A 133 32.05 26.22 49.77
CA THR A 133 31.37 25.72 48.58
C THR A 133 32.09 24.50 48.02
N ALA A 134 31.36 23.80 47.15
CA ALA A 134 31.90 22.73 46.34
C ALA A 134 31.45 22.98 44.90
N SER A 135 32.32 22.68 43.94
CA SER A 135 31.99 22.77 42.53
C SER A 135 32.41 21.49 41.83
N LYS A 136 31.61 21.08 40.84
CA LYS A 136 31.95 19.93 40.02
C LYS A 136 31.38 20.16 38.62
N THR A 137 32.23 19.96 37.61
CA THR A 137 31.79 20.01 36.22
C THR A 137 31.37 18.61 35.81
N VAL A 138 30.15 18.49 35.25
CA VAL A 138 29.63 17.21 34.80
C VAL A 138 29.03 17.39 33.41
N LEU A 139 29.09 16.32 32.61
CA LEU A 139 28.34 16.26 31.37
C LEU A 139 26.89 15.91 31.67
N ILE A 140 25.96 16.78 31.23
CA ILE A 140 24.54 16.46 31.24
C ILE A 140 24.19 15.89 29.86
N ASP A 141 23.75 14.62 29.83
CA ASP A 141 23.46 13.94 28.57
C ASP A 141 22.00 13.49 28.55
N TYR A 142 21.19 14.15 27.71
CA TYR A 142 19.80 13.79 27.52
C TYR A 142 19.66 12.69 26.47
N GLU A 143 20.77 12.36 25.78
CA GLU A 143 20.81 11.30 24.78
C GLU A 143 19.87 11.67 23.63
N LYS A 144 19.47 10.68 22.82
CA LYS A 144 18.76 10.96 21.59
C LYS A 144 17.41 10.24 21.57
N TYR A 145 16.50 10.76 20.75
CA TYR A 145 15.22 10.11 20.50
C TYR A 145 15.46 8.77 19.80
N GLY A 146 14.47 7.87 19.90
CA GLY A 146 14.52 6.59 19.21
C GLY A 146 14.16 6.74 17.74
N GLN A 147 14.72 5.85 16.91
CA GLN A 147 14.44 5.89 15.49
C GLN A 147 14.49 4.49 14.91
N PHE A 148 13.47 4.19 14.08
CA PHE A 148 13.38 2.97 13.33
C PHE A 148 12.94 3.33 11.91
N HIS A 149 13.86 3.23 10.94
CA HIS A 149 13.60 3.68 9.59
C HIS A 149 13.12 5.14 9.65
N ASN A 150 11.93 5.45 9.10
CA ASN A 150 11.46 6.83 9.02
C ASN A 150 10.65 7.24 10.24
N LEU A 151 10.60 6.39 11.28
CA LEU A 151 9.80 6.67 12.47
C LEU A 151 10.70 7.07 13.63
N SER A 152 10.44 8.24 14.24
CA SER A 152 11.16 8.64 15.44
C SER A 152 10.18 9.05 16.54
N ILE A 153 10.55 8.77 17.80
CA ILE A 153 9.75 9.10 18.95
C ILE A 153 10.62 9.07 20.21
N LYS A 154 10.28 9.93 21.18
CA LYS A 154 10.77 9.82 22.54
C LYS A 154 9.77 10.54 23.45
N GLY A 155 9.67 10.09 24.71
CA GLY A 155 8.88 10.79 25.71
C GLY A 155 9.59 10.82 27.05
N THR A 156 9.12 11.69 27.95
CA THR A 156 9.60 11.74 29.32
C THR A 156 8.43 12.03 30.26
N ILE A 157 8.53 11.53 31.50
CA ILE A 157 7.51 11.76 32.52
C ILE A 157 8.00 12.82 33.49
N ASP A 158 7.10 13.72 33.91
CA ASP A 158 7.36 14.59 35.05
C ASP A 158 6.06 14.98 35.75
N GLN A 159 6.16 15.91 36.72
CA GLN A 159 5.02 16.43 37.44
C GLN A 159 4.17 15.30 38.03
N ILE A 160 4.82 14.28 38.62
CA ILE A 160 4.09 13.27 39.37
C ILE A 160 3.62 13.89 40.68
N ASP A 161 2.31 13.84 40.93
CA ASP A 161 1.73 14.35 42.15
C ASP A 161 1.01 13.19 42.85
N LYS A 162 1.63 12.66 43.91
CA LYS A 162 1.14 11.45 44.56
C LYS A 162 -0.03 11.77 45.50
N THR A 163 -0.26 13.06 45.80
CA THR A 163 -1.40 13.48 46.60
C THR A 163 -2.65 13.53 45.74
N ASN A 164 -2.53 14.14 44.55
CA ASN A 164 -3.66 14.36 43.65
C ASN A 164 -3.74 13.28 42.57
N ASN A 165 -2.77 12.35 42.56
CA ASN A 165 -2.78 11.19 41.69
C ASN A 165 -2.72 11.61 40.22
N THR A 166 -1.82 12.53 39.87
CA THR A 166 -1.67 13.00 38.50
C THR A 166 -0.23 12.80 38.03
N TYR A 167 -0.04 12.79 36.71
CA TYR A 167 1.26 12.76 36.09
C TYR A 167 1.20 13.53 34.77
N ARG A 168 2.38 13.90 34.25
CA ARG A 168 2.50 14.48 32.92
C ARG A 168 3.52 13.67 32.12
N GLN A 169 3.20 13.45 30.83
CA GLN A 169 4.13 12.87 29.89
C GLN A 169 4.21 13.76 28.67
N THR A 170 5.44 14.11 28.27
CA THR A 170 5.71 14.94 27.10
C THR A 170 6.38 14.06 26.05
N ILE A 171 5.78 14.01 24.85
CA ILE A 171 6.24 13.12 23.79
C ILE A 171 6.57 13.97 22.55
N TYR A 172 7.74 13.71 21.96
CA TYR A 172 8.03 14.24 20.63
C TYR A 172 7.74 13.13 19.63
N VAL A 173 6.84 13.41 18.68
CA VAL A 173 6.54 12.52 17.57
C VAL A 173 7.24 13.06 16.32
N ASN A 174 7.95 12.19 15.59
CA ASN A 174 8.70 12.58 14.40
C ASN A 174 9.67 13.72 14.67
N PRO A 175 10.49 13.71 15.76
CA PRO A 175 11.51 14.73 15.93
C PRO A 175 12.60 14.73 14.85
N SER A 176 12.73 13.61 14.11
CA SER A 176 13.66 13.51 13.00
C SER A 176 13.21 14.33 11.78
N GLY A 177 11.94 14.77 11.75
CA GLY A 177 11.43 15.54 10.63
C GLY A 177 11.37 14.74 9.33
N ASP A 178 11.06 13.44 9.45
CA ASP A 178 10.86 12.58 8.29
C ASP A 178 9.49 12.85 7.67
N ASN A 179 9.29 12.30 6.47
CA ASN A 179 7.97 12.13 5.89
C ASN A 179 7.36 10.84 6.44
N VAL A 180 6.17 10.92 7.04
CA VAL A 180 5.48 9.76 7.56
C VAL A 180 4.06 9.77 7.02
N VAL A 181 3.66 8.71 6.31
CA VAL A 181 2.35 8.62 5.69
C VAL A 181 1.38 7.90 6.64
N LEU A 182 0.19 8.49 6.79
CA LEU A 182 -0.86 7.94 7.65
C LEU A 182 -0.34 7.62 9.05
N PRO A 183 0.29 8.62 9.75
CA PRO A 183 0.83 8.40 11.09
C PRO A 183 -0.27 8.15 12.12
N ALA A 184 0.07 7.37 13.16
CA ALA A 184 -0.77 7.24 14.34
C ALA A 184 0.11 7.02 15.56
N LEU A 185 -0.34 7.54 16.71
CA LEU A 185 0.33 7.34 17.99
C LEU A 185 -0.63 6.64 18.94
N THR A 186 -0.17 5.61 19.65
CA THR A 186 -0.93 5.07 20.77
C THR A 186 -0.12 5.23 22.04
N GLY A 187 -0.85 5.41 23.14
CA GLY A 187 -0.27 5.42 24.47
C GLY A 187 -0.92 4.32 25.29
N ASN A 188 -0.07 3.54 25.97
CA ASN A 188 -0.43 2.24 26.52
C ASN A 188 0.28 2.07 27.86
N LEU A 189 -0.08 0.99 28.58
CA LEU A 189 0.72 0.49 29.69
C LEU A 189 1.80 -0.42 29.11
N ILE A 190 2.96 -0.50 29.79
CA ILE A 190 4.01 -1.42 29.37
C ILE A 190 3.52 -2.84 29.64
N PRO A 191 3.61 -3.77 28.66
CA PRO A 191 3.25 -5.17 28.92
C PRO A 191 4.11 -5.81 30.00
N ASN A 192 3.56 -6.88 30.60
CA ASN A 192 4.21 -7.64 31.65
C ASN A 192 4.66 -6.75 32.81
N THR A 193 3.82 -5.76 33.17
CA THR A 193 4.06 -4.90 34.32
C THR A 193 2.74 -4.62 35.03
N LYS A 194 2.80 -4.46 36.36
CA LYS A 194 1.72 -3.83 37.09
C LYS A 194 1.94 -2.32 37.00
N SER A 195 1.12 -1.68 36.17
CA SER A 195 1.22 -0.24 35.94
C SER A 195 0.02 0.47 36.57
N ASN A 196 0.29 1.64 37.17
CA ASN A 196 -0.71 2.36 37.95
C ASN A 196 -1.40 3.46 37.14
N ALA A 197 -1.11 3.56 35.84
CA ALA A 197 -1.71 4.61 35.01
C ALA A 197 -3.15 4.28 34.65
N LEU A 198 -4.02 5.31 34.71
CA LEU A 198 -5.38 5.25 34.23
C LEU A 198 -5.50 6.08 32.95
N ILE A 199 -5.67 5.37 31.83
CA ILE A 199 -5.72 5.99 30.52
C ILE A 199 -7.10 5.75 29.94
N ASP A 200 -7.89 6.83 29.84
CA ASP A 200 -9.26 6.79 29.38
C ASP A 200 -9.76 8.22 29.21
N ALA A 201 -10.95 8.37 28.64
CA ALA A 201 -11.46 9.68 28.28
C ALA A 201 -11.62 10.59 29.50
N LYS A 202 -11.94 10.02 30.67
CA LYS A 202 -12.10 10.80 31.88
C LYS A 202 -10.74 11.21 32.44
N ASN A 203 -9.81 10.25 32.51
CA ASN A 203 -8.58 10.38 33.26
C ASN A 203 -7.45 11.04 32.45
N THR A 204 -7.60 11.12 31.13
CA THR A 204 -6.51 11.56 30.25
C THR A 204 -6.90 12.86 29.55
N ASP A 205 -5.96 13.82 29.54
CA ASP A 205 -6.08 15.05 28.78
C ASP A 205 -4.88 15.19 27.85
N ILE A 206 -5.13 15.46 26.57
CA ILE A 206 -4.08 15.50 25.56
C ILE A 206 -4.13 16.81 24.79
N LYS A 207 -2.99 17.52 24.75
CA LYS A 207 -2.77 18.65 23.86
C LYS A 207 -1.71 18.27 22.83
N VAL A 208 -1.85 18.80 21.60
CA VAL A 208 -0.89 18.52 20.54
C VAL A 208 -0.45 19.83 19.88
N TYR A 209 0.87 19.95 19.66
CA TYR A 209 1.50 21.12 19.06
C TYR A 209 2.28 20.72 17.81
N ARG A 210 2.16 21.52 16.74
CA ARG A 210 2.99 21.36 15.55
C ARG A 210 4.27 22.15 15.72
N VAL A 211 5.39 21.54 15.30
CA VAL A 211 6.71 22.12 15.42
C VAL A 211 7.17 22.54 14.03
N ASP A 212 7.16 23.85 13.76
CA ASP A 212 7.50 24.37 12.45
C ASP A 212 9.00 24.58 12.30
N ASN A 213 9.74 24.60 13.43
CA ASN A 213 11.20 24.65 13.39
C ASN A 213 11.76 23.74 14.48
N ALA A 214 12.33 22.61 14.06
CA ALA A 214 12.78 21.56 14.96
C ALA A 214 13.91 22.02 15.87
N ASN A 215 14.64 23.08 15.47
CA ASN A 215 15.69 23.64 16.30
C ASN A 215 15.14 24.26 17.58
N ASP A 216 13.83 24.53 17.61
CA ASP A 216 13.18 25.12 18.78
C ASP A 216 13.00 24.09 19.90
N LEU A 217 13.14 22.79 19.60
CA LEU A 217 12.88 21.74 20.57
C LEU A 217 14.03 21.66 21.59
N SER A 218 13.68 21.65 22.87
CA SER A 218 14.65 21.36 23.92
C SER A 218 15.04 19.89 23.87
N GLU A 219 16.29 19.60 24.28
CA GLU A 219 16.73 18.23 24.48
C GLU A 219 16.24 17.71 25.84
N SER A 220 15.91 18.63 26.76
CA SER A 220 15.49 18.29 28.11
C SER A 220 14.01 17.92 28.20
N TYR A 221 13.24 18.25 27.15
CA TYR A 221 11.80 18.00 27.04
C TYR A 221 11.02 19.01 27.87
N TYR A 222 11.68 20.09 28.31
CA TYR A 222 10.96 21.28 28.74
C TYR A 222 10.21 21.85 27.53
N VAL A 223 8.91 22.10 27.70
CA VAL A 223 8.08 22.67 26.65
C VAL A 223 7.28 23.83 27.22
N ASN A 224 7.46 25.00 26.61
CA ASN A 224 6.57 26.14 26.79
C ASN A 224 5.61 26.16 25.60
N PRO A 225 4.31 25.84 25.80
CA PRO A 225 3.37 25.74 24.67
C PRO A 225 3.30 26.96 23.74
N SER A 226 3.55 28.16 24.28
CA SER A 226 3.44 29.38 23.48
C SER A 226 4.54 29.47 22.42
N ASP A 227 5.55 28.59 22.51
CA ASP A 227 6.63 28.54 21.53
C ASP A 227 6.19 27.79 20.27
N PHE A 228 5.06 27.09 20.32
CA PHE A 228 4.66 26.19 19.24
C PHE A 228 3.21 26.51 18.85
N GLU A 229 2.71 25.79 17.83
CA GLU A 229 1.37 26.00 17.31
C GLU A 229 0.44 24.92 17.86
N ASP A 230 -0.54 25.34 18.66
CA ASP A 230 -1.53 24.41 19.21
C ASP A 230 -2.45 23.96 18.08
N VAL A 231 -2.43 22.65 17.79
CA VAL A 231 -3.23 22.06 16.72
C VAL A 231 -4.15 20.98 17.29
N THR A 232 -4.44 21.06 18.59
CA THR A 232 -5.24 20.04 19.26
C THR A 232 -6.55 19.81 18.51
N ASN A 233 -7.19 20.90 18.06
CA ASN A 233 -8.49 20.79 17.42
C ASN A 233 -8.43 20.15 16.04
N GLN A 234 -7.22 19.99 15.48
CA GLN A 234 -7.07 19.45 14.13
C GLN A 234 -6.65 17.98 14.15
N VAL A 235 -6.33 17.43 15.33
CA VAL A 235 -5.99 16.02 15.45
C VAL A 235 -7.21 15.26 15.97
N ARG A 236 -7.14 13.92 15.91
CA ARG A 236 -8.23 13.06 16.34
C ARG A 236 -7.77 12.17 17.51
N ILE A 237 -8.35 12.41 18.69
CA ILE A 237 -7.97 11.74 19.93
C ILE A 237 -9.09 10.79 20.31
N SER A 238 -8.77 9.51 20.47
CA SER A 238 -9.77 8.51 20.84
C SER A 238 -9.21 7.53 21.85
N PHE A 239 -10.11 6.69 22.41
CA PHE A 239 -9.75 5.71 23.41
C PHE A 239 -10.35 4.36 22.99
N PRO A 240 -9.76 3.71 21.96
CA PRO A 240 -10.36 2.54 21.36
C PRO A 240 -10.34 1.26 22.22
N ASN A 241 -9.40 1.19 23.17
CA ASN A 241 -9.22 0.03 24.01
C ASN A 241 -8.97 0.48 25.45
N ALA A 242 -9.17 -0.44 26.41
CA ALA A 242 -8.91 -0.17 27.81
C ALA A 242 -7.46 0.26 28.01
N ASN A 243 -7.28 1.27 28.88
CA ASN A 243 -6.01 1.91 29.20
C ASN A 243 -5.14 2.13 27.96
N GLN A 244 -5.78 2.65 26.91
CA GLN A 244 -5.04 3.08 25.73
C GLN A 244 -5.68 4.35 25.16
N TYR A 245 -4.84 5.27 24.67
CA TYR A 245 -5.31 6.37 23.86
C TYR A 245 -4.70 6.23 22.46
N LYS A 246 -5.35 6.88 21.48
CA LYS A 246 -4.85 6.95 20.12
C LYS A 246 -4.96 8.39 19.63
N VAL A 247 -3.90 8.88 18.96
CA VAL A 247 -3.92 10.17 18.29
C VAL A 247 -3.62 9.95 16.81
N GLU A 248 -4.52 10.47 15.97
CA GLU A 248 -4.31 10.52 14.53
C GLU A 248 -4.04 11.96 14.12
N PHE A 249 -3.29 12.11 13.03
CA PHE A 249 -2.79 13.42 12.58
C PHE A 249 -3.24 13.64 11.14
N PRO A 250 -4.56 13.75 10.87
CA PRO A 250 -5.04 13.90 9.50
C PRO A 250 -4.49 15.18 8.85
N THR A 251 -4.06 15.06 7.59
CA THR A 251 -3.63 16.21 6.81
C THR A 251 -4.18 16.07 5.40
N ASP A 252 -4.14 17.19 4.66
CA ASP A 252 -4.69 17.27 3.32
C ASP A 252 -3.97 16.33 2.36
N ASP A 253 -2.71 15.97 2.66
CA ASP A 253 -1.97 15.10 1.76
C ASP A 253 -1.56 13.78 2.42
N ASP A 254 -2.20 13.44 3.55
CA ASP A 254 -2.09 12.13 4.18
C ASP A 254 -0.67 11.83 4.67
N GLN A 255 0.13 12.86 4.91
CA GLN A 255 1.42 12.65 5.55
C GLN A 255 1.75 13.85 6.44
N ILE A 256 2.65 13.61 7.39
CA ILE A 256 3.27 14.69 8.15
C ILE A 256 4.74 14.78 7.73
N THR A 257 5.31 15.98 7.88
CA THR A 257 6.70 16.25 7.50
C THR A 257 7.43 17.01 8.61
N THR A 258 6.78 17.21 9.75
CA THR A 258 7.33 18.00 10.85
C THR A 258 7.17 17.21 12.14
N PRO A 259 7.92 17.56 13.20
CA PRO A 259 7.65 17.04 14.53
C PRO A 259 6.33 17.55 15.09
N TYR A 260 5.77 16.78 16.02
CA TYR A 260 4.66 17.19 16.86
C TYR A 260 5.03 16.92 18.31
N ILE A 261 4.54 17.79 19.20
CA ILE A 261 4.65 17.58 20.63
C ILE A 261 3.28 17.15 21.15
N VAL A 262 3.24 16.03 21.88
CA VAL A 262 2.04 15.54 22.53
C VAL A 262 2.24 15.63 24.03
N VAL A 263 1.38 16.41 24.70
CA VAL A 263 1.46 16.61 26.13
C VAL A 263 0.26 15.93 26.78
N VAL A 264 0.54 14.88 27.57
CA VAL A 264 -0.47 14.08 28.24
C VAL A 264 -0.47 14.45 29.71
N ASN A 265 -1.62 14.91 30.22
CA ASN A 265 -1.83 15.08 31.64
C ASN A 265 -2.83 14.01 32.08
N GLY A 266 -2.34 13.05 32.86
CA GLY A 266 -3.10 11.86 33.18
C GLY A 266 -3.25 11.64 34.68
N HIS A 267 -3.85 10.50 35.02
CA HIS A 267 -4.07 10.13 36.41
C HIS A 267 -3.45 8.78 36.74
N ILE A 268 -3.19 8.62 38.05
CA ILE A 268 -2.65 7.42 38.67
C ILE A 268 -3.78 6.78 39.48
N ASP A 269 -3.77 5.45 39.55
CA ASP A 269 -4.70 4.69 40.38
C ASP A 269 -4.15 4.58 41.80
N PRO A 270 -4.77 5.25 42.81
CA PRO A 270 -4.25 5.18 44.18
C PRO A 270 -4.39 3.79 44.82
N ALA A 271 -5.22 2.93 44.23
CA ALA A 271 -5.40 1.57 44.72
C ALA A 271 -4.24 0.65 44.30
N SER A 272 -3.42 1.10 43.33
CA SER A 272 -2.35 0.27 42.79
C SER A 272 -1.05 0.47 43.56
N THR A 273 -0.30 -0.63 43.75
CA THR A 273 1.06 -0.57 44.29
C THR A 273 2.07 -0.71 43.15
N GLY A 274 1.62 -0.58 41.91
CA GLY A 274 2.49 -0.70 40.75
C GLY A 274 3.28 0.58 40.48
N ASP A 275 4.14 0.50 39.46
CA ASP A 275 4.93 1.63 39.01
C ASP A 275 4.18 2.36 37.91
N LEU A 276 4.59 3.60 37.62
CA LEU A 276 4.04 4.33 36.49
C LEU A 276 4.79 3.90 35.24
N ALA A 277 4.18 2.99 34.47
CA ALA A 277 4.86 2.30 33.40
C ALA A 277 4.07 2.47 32.10
N LEU A 278 4.62 3.30 31.19
CA LEU A 278 3.94 3.76 29.99
C LEU A 278 4.70 3.34 28.74
N ARG A 279 3.96 2.95 27.69
CA ARG A 279 4.53 2.66 26.38
C ARG A 279 3.84 3.53 25.33
N SER A 280 4.65 4.27 24.58
CA SER A 280 4.19 5.07 23.45
C SER A 280 4.61 4.38 22.17
N THR A 281 3.68 4.22 21.22
CA THR A 281 3.99 3.52 19.99
C THR A 281 3.59 4.40 18.81
N PHE A 282 4.56 4.62 17.91
CA PHE A 282 4.33 5.45 16.73
C PHE A 282 4.29 4.55 15.50
N TYR A 283 3.25 4.72 14.68
CA TYR A 283 3.00 3.90 13.50
C TYR A 283 3.02 4.76 12.25
N GLY A 284 3.42 4.17 11.11
CA GLY A 284 3.29 4.88 9.85
C GLY A 284 3.93 4.13 8.68
N TYR A 285 3.65 4.61 7.47
CA TYR A 285 4.30 4.11 6.27
C TYR A 285 5.50 4.97 5.91
N ASP A 286 6.47 4.37 5.21
CA ASP A 286 7.49 5.11 4.48
C ASP A 286 7.06 5.22 3.01
N SER A 287 7.94 5.78 2.18
CA SER A 287 7.59 6.06 0.79
C SER A 287 7.48 4.77 -0.03
N ASN A 288 7.98 3.64 0.49
CA ASN A 288 7.82 2.35 -0.17
C ASN A 288 6.64 1.58 0.40
N PHE A 289 5.77 2.29 1.13
CA PHE A 289 4.55 1.73 1.72
C PHE A 289 4.87 0.56 2.65
N ILE A 290 6.03 0.62 3.33
CA ILE A 290 6.32 -0.32 4.38
C ILE A 290 5.74 0.24 5.68
N TRP A 291 4.87 -0.56 6.31
CA TRP A 291 4.18 -0.19 7.53
C TRP A 291 4.97 -0.67 8.74
N ARG A 292 5.37 0.28 9.60
CA ARG A 292 6.19 -0.05 10.74
C ARG A 292 5.64 0.61 11.99
N SER A 293 6.18 0.19 13.13
CA SER A 293 5.93 0.87 14.39
C SER A 293 7.21 0.90 15.19
N MET A 294 7.26 1.82 16.14
CA MET A 294 8.35 1.81 17.09
C MET A 294 7.84 2.36 18.41
N SER A 295 8.34 1.77 19.50
CA SER A 295 7.84 2.07 20.83
C SER A 295 8.92 2.75 21.66
N TRP A 296 8.46 3.54 22.63
CA TRP A 296 9.29 4.17 23.63
C TRP A 296 8.66 3.93 25.01
N ASP A 297 9.45 3.38 25.94
CA ASP A 297 8.97 3.07 27.27
C ASP A 297 9.45 4.12 28.28
N ASN A 298 8.53 4.58 29.13
CA ASN A 298 8.85 5.42 30.27
C ASN A 298 8.37 4.73 31.55
N GLU A 299 9.24 4.63 32.56
CA GLU A 299 8.87 3.96 33.80
C GLU A 299 9.45 4.74 34.98
N VAL A 300 8.60 5.03 35.96
CA VAL A 300 9.02 5.66 37.21
C VAL A 300 8.65 4.71 38.34
N ALA A 301 9.65 4.34 39.15
CA ALA A 301 9.45 3.44 40.27
C ALA A 301 8.66 4.14 41.38
N PHE A 302 7.67 3.44 41.95
CA PHE A 302 6.91 3.94 43.09
C PHE A 302 7.32 3.17 44.34
N VAL B 2 -16.59 5.33 -9.67
CA VAL B 2 -15.29 5.86 -10.21
C VAL B 2 -14.82 4.97 -11.35
N GLN B 3 -14.59 5.58 -12.52
CA GLN B 3 -14.11 4.88 -13.69
C GLN B 3 -12.81 5.52 -14.17
N LEU B 4 -11.88 4.68 -14.64
CA LEU B 4 -10.59 5.12 -15.14
C LEU B 4 -10.48 4.75 -16.62
N GLN B 5 -9.89 5.66 -17.41
CA GLN B 5 -9.69 5.41 -18.83
C GLN B 5 -8.30 5.91 -19.25
N GLU B 6 -7.50 4.98 -19.77
CA GLU B 6 -6.19 5.26 -20.32
C GLU B 6 -6.33 5.74 -21.76
N SER B 7 -5.42 6.63 -22.19
CA SER B 7 -5.38 7.06 -23.57
C SER B 7 -3.97 7.44 -23.96
N GLY B 8 -3.65 7.25 -25.24
CA GLY B 8 -2.34 7.61 -25.75
C GLY B 8 -2.03 6.84 -27.03
N PRO B 9 -0.97 7.26 -27.78
CA PRO B 9 -0.59 6.55 -29.00
C PRO B 9 -0.37 5.06 -28.77
N GLY B 10 -0.87 4.25 -29.71
CA GLY B 10 -0.72 2.81 -29.66
C GLY B 10 0.56 2.34 -30.33
N LEU B 11 1.28 3.24 -31.02
CA LEU B 11 2.53 2.92 -31.70
C LEU B 11 3.58 3.96 -31.34
N VAL B 12 4.75 3.50 -30.85
CA VAL B 12 5.87 4.37 -30.55
C VAL B 12 7.15 3.78 -31.14
N LYS B 13 8.04 4.64 -31.65
CA LYS B 13 9.28 4.19 -32.26
C LYS B 13 10.31 3.87 -31.19
N PRO B 14 11.17 2.85 -31.40
CA PRO B 14 12.27 2.58 -30.47
C PRO B 14 13.15 3.81 -30.27
N SER B 15 13.55 4.02 -29.01
CA SER B 15 14.41 5.08 -28.53
C SER B 15 13.62 6.35 -28.18
N GLU B 16 12.35 6.43 -28.57
CA GLU B 16 11.54 7.60 -28.27
C GLU B 16 10.80 7.40 -26.95
N THR B 17 9.80 8.26 -26.69
CA THR B 17 9.13 8.30 -25.40
C THR B 17 7.67 7.87 -25.57
N LEU B 18 7.23 6.96 -24.70
CA LEU B 18 5.82 6.58 -24.58
C LEU B 18 5.15 7.55 -23.62
N SER B 19 4.00 8.11 -24.01
CA SER B 19 3.22 9.00 -23.17
C SER B 19 1.78 8.50 -23.09
N LEU B 20 1.27 8.34 -21.86
CA LEU B 20 -0.11 7.94 -21.64
C LEU B 20 -0.76 8.87 -20.62
N THR B 21 -2.09 9.01 -20.70
CA THR B 21 -2.88 9.74 -19.73
C THR B 21 -3.98 8.82 -19.20
N CYS B 22 -4.26 8.96 -17.90
CA CYS B 22 -5.37 8.30 -17.24
C CYS B 22 -6.39 9.36 -16.82
N THR B 23 -7.63 9.23 -17.30
CA THR B 23 -8.71 10.16 -16.99
C THR B 23 -9.65 9.52 -15.98
N VAL B 24 -9.85 10.20 -14.85
CA VAL B 24 -10.76 9.75 -13.80
C VAL B 24 -12.13 10.40 -14.06
N SER B 25 -13.19 9.59 -14.00
CA SER B 25 -14.54 10.12 -14.11
C SER B 25 -15.41 9.50 -13.02
N GLY B 26 -16.52 10.18 -12.70
CA GLY B 26 -17.46 9.69 -11.70
C GLY B 26 -16.88 9.80 -10.28
N GLY B 27 -15.94 10.74 -10.10
CA GLY B 27 -15.21 10.93 -8.86
C GLY B 27 -14.05 11.90 -9.05
N SER B 28 -13.31 12.15 -7.95
CA SER B 28 -12.20 13.10 -7.94
C SER B 28 -10.87 12.37 -7.78
N ILE B 29 -9.85 12.90 -8.44
CA ILE B 29 -8.48 12.40 -8.37
C ILE B 29 -7.83 12.81 -7.05
N ASN B 30 -8.38 13.82 -6.37
CA ASN B 30 -7.71 14.43 -5.22
C ASN B 30 -7.67 13.50 -4.00
N ASN B 31 -6.63 13.71 -3.18
CA ASN B 31 -6.47 13.07 -1.88
C ASN B 31 -6.36 11.55 -2.02
N SER B 32 -5.71 11.08 -3.08
CA SER B 32 -5.53 9.66 -3.28
C SER B 32 -4.24 9.36 -4.05
N TYR B 33 -3.79 8.10 -3.90
CA TYR B 33 -2.70 7.54 -4.67
C TYR B 33 -3.26 6.83 -5.92
N TRP B 34 -2.41 6.81 -6.95
CA TRP B 34 -2.73 6.24 -8.26
C TRP B 34 -1.47 5.55 -8.78
N SER B 35 -1.62 4.41 -9.46
CA SER B 35 -0.50 3.64 -9.97
C SER B 35 -0.66 3.36 -11.46
N TRP B 36 0.48 3.14 -12.11
CA TRP B 36 0.55 2.51 -13.42
C TRP B 36 1.11 1.10 -13.28
N ILE B 37 0.48 0.15 -13.99
CA ILE B 37 0.84 -1.25 -13.99
C ILE B 37 0.75 -1.73 -15.44
N ARG B 38 1.71 -2.58 -15.87
CA ARG B 38 1.71 -3.04 -17.25
C ARG B 38 1.80 -4.56 -17.34
N GLN B 39 1.49 -5.06 -18.54
CA GLN B 39 1.38 -6.49 -18.79
C GLN B 39 1.70 -6.76 -20.25
N PRO B 40 2.91 -7.28 -20.57
CA PRO B 40 3.20 -7.73 -21.95
C PRO B 40 2.19 -8.79 -22.35
N PRO B 41 1.74 -8.82 -23.63
CA PRO B 41 0.75 -9.81 -24.07
C PRO B 41 1.14 -11.23 -23.67
N GLY B 42 0.20 -11.93 -23.00
CA GLY B 42 0.37 -13.32 -22.60
C GLY B 42 1.36 -13.49 -21.44
N LYS B 43 1.64 -12.41 -20.71
CA LYS B 43 2.55 -12.46 -19.58
C LYS B 43 1.85 -11.89 -18.35
N GLY B 44 2.62 -11.71 -17.26
CA GLY B 44 2.09 -11.27 -15.98
C GLY B 44 2.17 -9.76 -15.80
N LEU B 45 2.00 -9.33 -14.54
CA LEU B 45 1.80 -7.93 -14.19
C LEU B 45 3.07 -7.34 -13.59
N GLU B 46 3.33 -6.07 -13.93
CA GLU B 46 4.51 -5.35 -13.46
C GLU B 46 4.10 -3.92 -13.07
N TRP B 47 4.20 -3.61 -11.78
CA TRP B 47 3.92 -2.28 -11.26
C TRP B 47 5.05 -1.33 -11.65
N ILE B 48 4.69 -0.12 -12.11
CA ILE B 48 5.66 0.83 -12.64
C ILE B 48 5.96 1.91 -11.60
N GLY B 49 4.91 2.41 -10.93
CA GLY B 49 5.10 3.44 -9.92
C GLY B 49 3.77 3.99 -9.43
N TYR B 50 3.84 4.82 -8.38
CA TYR B 50 2.67 5.53 -7.89
C TYR B 50 2.91 7.04 -7.95
N LEU B 51 1.78 7.75 -7.94
CA LEU B 51 1.74 9.19 -7.76
C LEU B 51 0.64 9.49 -6.75
N TYR B 52 0.91 10.41 -5.82
CA TYR B 52 -0.14 11.02 -5.01
C TYR B 52 -0.59 12.30 -5.71
N SER B 53 -1.85 12.68 -5.51
CA SER B 53 -2.48 13.77 -6.24
C SER B 53 -1.75 15.10 -6.02
N SER B 54 -1.04 15.23 -4.89
CA SER B 54 -0.19 16.37 -4.57
C SER B 54 1.04 16.43 -5.46
N GLY B 55 1.45 15.29 -6.03
CA GLY B 55 2.55 15.27 -6.98
C GLY B 55 3.72 14.37 -6.56
N ARG B 56 3.74 13.89 -5.31
CA ARG B 56 4.83 13.02 -4.88
C ARG B 56 4.69 11.67 -5.58
N THR B 57 5.84 11.03 -5.85
CA THR B 57 5.90 9.80 -6.63
C THR B 57 6.89 8.80 -6.03
N ASN B 58 6.80 7.57 -6.55
CA ASN B 58 7.76 6.51 -6.31
C ASN B 58 7.72 5.58 -7.52
N TYR B 59 8.88 5.34 -8.14
CA TYR B 59 8.96 4.49 -9.32
C TYR B 59 9.75 3.22 -9.00
N THR B 60 9.36 2.10 -9.63
CA THR B 60 10.06 0.84 -9.46
C THR B 60 11.53 1.04 -9.83
N PRO B 61 12.49 0.59 -8.99
CA PRO B 61 13.91 0.86 -9.22
C PRO B 61 14.43 0.58 -10.63
N SER B 62 13.98 -0.51 -11.25
CA SER B 62 14.48 -0.92 -12.55
C SER B 62 14.07 0.05 -13.66
N LEU B 63 13.03 0.87 -13.43
CA LEU B 63 12.50 1.77 -14.44
C LEU B 63 12.71 3.24 -14.09
N LYS B 64 13.15 3.54 -12.87
CA LYS B 64 13.14 4.90 -12.34
C LYS B 64 13.82 5.88 -13.29
N SER B 65 14.92 5.45 -13.92
CA SER B 65 15.72 6.34 -14.74
C SER B 65 15.04 6.69 -16.07
N ARG B 66 13.92 6.00 -16.38
CA ARG B 66 13.21 6.20 -17.63
C ARG B 66 11.76 6.67 -17.39
N VAL B 67 11.32 6.79 -16.13
CA VAL B 67 9.91 7.06 -15.85
C VAL B 67 9.71 8.48 -15.33
N THR B 68 8.63 9.12 -15.79
CA THR B 68 8.10 10.35 -15.21
C THR B 68 6.59 10.19 -15.06
N MET B 69 6.06 10.52 -13.88
CA MET B 69 4.62 10.60 -13.69
C MET B 69 4.27 11.99 -13.19
N SER B 70 3.16 12.54 -13.70
CA SER B 70 2.71 13.86 -13.32
C SER B 70 1.18 13.87 -13.23
N VAL B 71 0.63 14.92 -12.62
CA VAL B 71 -0.80 15.00 -12.38
C VAL B 71 -1.30 16.41 -12.70
N ASP B 72 -2.50 16.49 -13.28
CA ASP B 72 -3.23 17.74 -13.43
C ASP B 72 -4.61 17.56 -12.79
N THR B 73 -4.73 18.00 -11.53
CA THR B 73 -5.91 17.72 -10.73
C THR B 73 -7.11 18.49 -11.28
N SER B 74 -6.86 19.62 -11.96
CA SER B 74 -7.92 20.41 -12.56
C SER B 74 -8.61 19.66 -13.69
N LYS B 75 -7.89 18.73 -14.34
CA LYS B 75 -8.44 17.95 -15.46
C LYS B 75 -8.79 16.53 -15.01
N ASN B 76 -8.55 16.19 -13.75
CA ASN B 76 -8.88 14.89 -13.20
C ASN B 76 -8.07 13.83 -13.96
N GLN B 77 -6.79 14.14 -14.24
CA GLN B 77 -5.94 13.29 -15.05
C GLN B 77 -4.54 13.19 -14.45
N PHE B 78 -3.87 12.06 -14.72
CA PHE B 78 -2.44 11.91 -14.42
C PHE B 78 -1.81 11.13 -15.57
N SER B 79 -0.48 11.20 -15.67
CA SER B 79 0.20 10.76 -16.88
C SER B 79 1.40 9.90 -16.54
N LEU B 80 1.82 9.12 -17.55
CA LEU B 80 3.06 8.35 -17.54
C LEU B 80 3.86 8.72 -18.77
N LYS B 81 5.17 8.97 -18.56
CA LYS B 81 6.13 9.05 -19.65
C LYS B 81 7.19 7.99 -19.41
N LEU B 82 7.49 7.19 -20.43
CA LEU B 82 8.54 6.18 -20.37
C LEU B 82 9.50 6.43 -21.53
N SER B 83 10.77 6.69 -21.21
CA SER B 83 11.74 7.06 -22.24
C SER B 83 12.61 5.87 -22.63
N SER B 84 13.41 6.06 -23.68
CA SER B 84 14.34 5.05 -24.19
C SER B 84 13.64 3.72 -24.48
N VAL B 85 12.49 3.75 -25.14
CA VAL B 85 11.68 2.54 -25.23
C VAL B 85 12.34 1.54 -26.19
N THR B 86 12.10 0.25 -25.92
CA THR B 86 12.42 -0.84 -26.83
C THR B 86 11.20 -1.77 -26.90
N ALA B 87 11.32 -2.83 -27.71
CA ALA B 87 10.27 -3.82 -27.85
C ALA B 87 9.88 -4.44 -26.51
N ALA B 88 10.79 -4.41 -25.53
CA ALA B 88 10.49 -4.93 -24.20
C ALA B 88 9.41 -4.11 -23.49
N ASP B 89 9.10 -2.90 -24.01
CA ASP B 89 8.11 -2.03 -23.39
C ASP B 89 6.74 -2.18 -24.06
N THR B 90 6.65 -3.04 -25.09
CA THR B 90 5.37 -3.37 -25.69
C THR B 90 4.53 -4.09 -24.63
N ALA B 91 3.36 -3.51 -24.31
CA ALA B 91 2.52 -4.02 -23.24
C ALA B 91 1.16 -3.32 -23.20
N LEU B 92 0.23 -3.95 -22.47
CA LEU B 92 -0.97 -3.29 -22.01
C LEU B 92 -0.61 -2.45 -20.79
N TYR B 93 -0.97 -1.16 -20.80
CA TYR B 93 -0.72 -0.26 -19.70
C TYR B 93 -2.04 0.05 -19.00
N TYR B 94 -2.07 -0.16 -17.69
CA TYR B 94 -3.25 0.09 -16.86
C TYR B 94 -2.94 1.17 -15.83
N CYS B 95 -3.93 2.03 -15.56
CA CYS B 95 -3.93 2.84 -14.36
C CYS B 95 -4.87 2.21 -13.33
N ALA B 96 -4.62 2.49 -12.05
CA ALA B 96 -5.42 1.93 -10.98
C ALA B 96 -5.34 2.82 -9.74
N ARG B 97 -6.47 2.98 -9.06
CA ARG B 97 -6.47 3.65 -7.77
C ARG B 97 -5.73 2.76 -6.77
N THR B 98 -4.89 3.38 -5.93
CA THR B 98 -4.09 2.66 -4.96
C THR B 98 -4.57 3.00 -3.56
N HIS B 99 -5.08 1.99 -2.84
CA HIS B 99 -5.60 2.15 -1.50
C HIS B 99 -4.54 1.71 -0.49
N LEU B 100 -4.39 2.47 0.61
CA LEU B 100 -3.55 2.05 1.73
C LEU B 100 -4.45 1.54 2.85
N GLY B 101 -4.07 0.39 3.45
CA GLY B 101 -4.82 -0.19 4.54
C GLY B 101 -4.76 0.67 5.81
N GLY B 102 -3.59 1.24 6.10
CA GLY B 102 -3.43 2.13 7.24
C GLY B 102 -3.65 1.38 8.56
N PHE B 103 -4.00 2.14 9.60
CA PHE B 103 -4.03 1.61 10.95
C PHE B 103 -5.05 0.47 11.05
N HIS B 104 -6.22 0.65 10.43
CA HIS B 104 -7.31 -0.30 10.58
C HIS B 104 -6.89 -1.70 10.10
N TYR B 105 -6.15 -1.76 8.98
CA TYR B 105 -5.73 -3.03 8.39
C TYR B 105 -4.33 -3.43 8.84
N GLY B 106 -3.67 -2.57 9.63
CA GLY B 106 -2.33 -2.86 10.10
C GLY B 106 -1.31 -2.85 8.97
N GLY B 107 -1.55 -2.03 7.93
CA GLY B 107 -0.63 -1.89 6.82
C GLY B 107 -1.22 -2.39 5.51
N GLY B 108 -0.35 -2.54 4.51
CA GLY B 108 -0.71 -3.10 3.21
C GLY B 108 -1.30 -2.05 2.26
N PHE B 109 -1.59 -2.51 1.04
CA PHE B 109 -2.18 -1.67 0.01
C PHE B 109 -2.74 -2.56 -1.10
N TRP B 110 -3.65 -2.01 -1.92
CA TRP B 110 -4.23 -2.76 -3.02
C TRP B 110 -4.72 -1.83 -4.13
N PHE B 111 -5.07 -2.42 -5.28
CA PHE B 111 -5.39 -1.69 -6.50
C PHE B 111 -6.85 -1.92 -6.88
N ASP B 112 -7.62 -0.83 -6.92
CA ASP B 112 -9.04 -0.91 -7.19
C ASP B 112 -9.64 0.49 -7.21
N PRO B 113 -10.38 0.92 -8.26
CA PRO B 113 -10.55 0.15 -9.50
C PRO B 113 -9.38 0.26 -10.48
N TRP B 114 -9.46 -0.53 -11.55
CA TRP B 114 -8.50 -0.47 -12.65
C TRP B 114 -9.16 0.15 -13.88
N GLY B 115 -8.35 0.78 -14.73
CA GLY B 115 -8.79 1.17 -16.07
C GLY B 115 -8.92 -0.06 -16.97
N GLN B 116 -9.27 0.20 -18.24
CA GLN B 116 -9.52 -0.83 -19.23
C GLN B 116 -8.21 -1.41 -19.75
N GLY B 117 -7.14 -0.60 -19.71
CA GLY B 117 -5.86 -0.96 -20.29
C GLY B 117 -5.79 -0.44 -21.73
N THR B 118 -4.59 0.01 -22.12
CA THR B 118 -4.34 0.45 -23.48
C THR B 118 -3.02 -0.17 -23.96
N LEU B 119 -3.06 -0.72 -25.18
CA LEU B 119 -1.90 -1.42 -25.73
C LEU B 119 -0.97 -0.40 -26.40
N VAL B 120 0.32 -0.48 -26.04
CA VAL B 120 1.35 0.29 -26.71
C VAL B 120 2.33 -0.70 -27.32
N THR B 121 2.59 -0.53 -28.63
CA THR B 121 3.52 -1.37 -29.38
C THR B 121 4.73 -0.52 -29.76
N VAL B 122 5.94 -1.00 -29.42
CA VAL B 122 7.16 -0.32 -29.81
C VAL B 122 7.72 -0.97 -31.07
N SER B 123 7.78 -0.19 -32.15
CA SER B 123 8.10 -0.72 -33.47
C SER B 123 8.52 0.42 -34.40
N SER B 124 9.41 0.10 -35.36
CA SER B 124 9.81 1.04 -36.39
C SER B 124 8.85 1.02 -37.58
N ALA B 125 7.96 0.02 -37.63
CA ALA B 125 7.04 -0.15 -38.75
C ALA B 125 5.92 0.89 -38.69
N SER B 126 5.36 1.21 -39.87
CA SER B 126 4.31 2.21 -39.99
C SER B 126 2.95 1.59 -39.67
N THR B 127 2.02 2.43 -39.21
CA THR B 127 0.66 1.98 -38.98
C THR B 127 -0.02 1.71 -40.32
N LYS B 128 -0.92 0.74 -40.34
CA LYS B 128 -1.75 0.46 -41.50
C LYS B 128 -3.14 0.02 -41.03
N GLY B 129 -4.18 0.66 -41.57
CA GLY B 129 -5.55 0.35 -41.22
C GLY B 129 -6.04 -0.88 -41.99
N PRO B 130 -7.01 -1.63 -41.44
CA PRO B 130 -7.48 -2.86 -42.07
C PRO B 130 -8.43 -2.61 -43.24
N SER B 131 -8.53 -3.61 -44.11
CA SER B 131 -9.68 -3.78 -44.99
C SER B 131 -10.66 -4.71 -44.29
N VAL B 132 -11.96 -4.48 -44.52
CA VAL B 132 -12.99 -5.26 -43.87
C VAL B 132 -13.86 -5.92 -44.94
N PHE B 133 -13.91 -7.26 -44.92
CA PHE B 133 -14.64 -8.03 -45.90
C PHE B 133 -15.73 -8.84 -45.20
N PRO B 134 -16.89 -9.07 -45.86
CA PRO B 134 -17.95 -9.87 -45.26
C PRO B 134 -17.67 -11.37 -45.29
N LEU B 135 -18.06 -12.04 -44.20
CA LEU B 135 -18.24 -13.48 -44.19
C LEU B 135 -19.75 -13.75 -44.27
N ALA B 136 -20.24 -13.86 -45.50
CA ALA B 136 -21.67 -13.84 -45.75
C ALA B 136 -22.31 -15.18 -45.35
N PRO B 137 -23.48 -15.16 -44.67
CA PRO B 137 -24.15 -16.41 -44.31
C PRO B 137 -24.79 -17.07 -45.53
N SER B 138 -24.99 -18.38 -45.44
CA SER B 138 -25.51 -19.20 -46.51
C SER B 138 -25.98 -20.52 -45.92
N SER B 139 -26.34 -21.47 -46.79
CA SER B 139 -26.65 -22.83 -46.35
C SER B 139 -25.39 -23.51 -45.81
N LYS B 140 -24.21 -23.03 -46.25
CA LYS B 140 -22.94 -23.61 -45.83
C LYS B 140 -22.54 -23.11 -44.44
N SER B 141 -23.31 -22.18 -43.85
CA SER B 141 -23.07 -21.73 -42.49
C SER B 141 -24.34 -21.81 -41.65
N THR B 142 -25.22 -22.78 -41.95
CA THR B 142 -26.48 -22.98 -41.22
C THR B 142 -26.58 -24.42 -40.71
N SER B 143 -27.09 -24.59 -39.49
CA SER B 143 -27.31 -25.92 -38.91
C SER B 143 -28.00 -25.80 -37.55
N GLY B 144 -28.95 -26.72 -37.28
CA GLY B 144 -29.57 -26.85 -35.97
C GLY B 144 -30.28 -25.57 -35.52
N GLY B 145 -30.85 -24.83 -36.47
CA GLY B 145 -31.63 -23.64 -36.19
C GLY B 145 -30.76 -22.39 -36.03
N THR B 146 -29.46 -22.49 -36.34
CA THR B 146 -28.54 -21.37 -36.19
C THR B 146 -27.81 -21.15 -37.51
N ALA B 147 -27.56 -19.87 -37.84
CA ALA B 147 -26.72 -19.50 -38.98
C ALA B 147 -25.52 -18.69 -38.48
N ALA B 148 -24.39 -18.81 -39.18
CA ALA B 148 -23.19 -18.07 -38.84
C ALA B 148 -22.85 -17.05 -39.93
N LEU B 149 -22.45 -15.85 -39.50
CA LEU B 149 -21.96 -14.81 -40.39
C LEU B 149 -20.82 -14.08 -39.70
N GLY B 150 -20.13 -13.18 -40.40
CA GLY B 150 -19.03 -12.50 -39.76
C GLY B 150 -18.36 -11.45 -40.64
N CYS B 151 -17.21 -10.96 -40.16
N CYS B 151 -17.21 -10.96 -40.18
CA CYS B 151 -16.39 -9.99 -40.86
CA CYS B 151 -16.41 -10.05 -40.97
C CYS B 151 -14.93 -10.42 -40.74
C CYS B 151 -14.94 -10.35 -40.75
N LEU B 152 -14.19 -10.28 -41.85
CA LEU B 152 -12.76 -10.54 -41.88
C LEU B 152 -12.06 -9.18 -41.90
N VAL B 153 -11.22 -8.96 -40.88
CA VAL B 153 -10.51 -7.70 -40.70
C VAL B 153 -9.04 -7.96 -41.04
N LYS B 154 -8.64 -7.57 -42.25
CA LYS B 154 -7.40 -8.07 -42.82
C LYS B 154 -6.38 -6.95 -43.01
N ASP B 155 -5.11 -7.28 -42.70
CA ASP B 155 -3.93 -6.50 -43.10
C ASP B 155 -3.86 -5.18 -42.35
N TYR B 156 -3.69 -5.24 -41.02
CA TYR B 156 -3.52 -4.03 -40.23
C TYR B 156 -2.28 -4.14 -39.36
N PHE B 157 -1.83 -3.00 -38.85
CA PHE B 157 -0.69 -2.95 -37.95
C PHE B 157 -0.71 -1.62 -37.21
N PRO B 158 -0.42 -1.56 -35.88
CA PRO B 158 -0.23 -2.73 -35.03
C PRO B 158 -1.56 -3.20 -34.46
N GLU B 159 -1.51 -4.15 -33.52
N GLU B 159 -1.50 -4.12 -33.50
CA GLU B 159 -2.67 -4.46 -32.71
CA GLU B 159 -2.65 -4.48 -32.70
C GLU B 159 -3.01 -3.23 -31.85
C GLU B 159 -2.99 -3.29 -31.79
N PRO B 160 -4.24 -3.11 -31.31
CA PRO B 160 -5.35 -4.01 -31.57
C PRO B 160 -6.46 -3.47 -32.48
N VAL B 161 -7.43 -4.35 -32.76
CA VAL B 161 -8.69 -3.97 -33.37
C VAL B 161 -9.81 -4.38 -32.43
N THR B 162 -10.88 -3.58 -32.36
CA THR B 162 -12.10 -4.01 -31.70
C THR B 162 -13.19 -4.20 -32.74
N VAL B 163 -14.07 -5.17 -32.48
CA VAL B 163 -15.23 -5.41 -33.32
C VAL B 163 -16.45 -5.51 -32.42
N SER B 164 -17.50 -4.75 -32.75
CA SER B 164 -18.81 -4.94 -32.16
C SER B 164 -19.79 -5.24 -33.27
N TRP B 165 -21.01 -5.63 -32.88
CA TRP B 165 -22.07 -5.95 -33.82
C TRP B 165 -23.30 -5.11 -33.51
N ASN B 166 -23.87 -4.51 -34.56
CA ASN B 166 -25.06 -3.68 -34.47
C ASN B 166 -24.85 -2.62 -33.37
N SER B 167 -23.68 -1.98 -33.39
CA SER B 167 -23.34 -0.90 -32.48
C SER B 167 -23.47 -1.33 -31.01
N GLY B 168 -23.24 -2.63 -30.74
CA GLY B 168 -23.22 -3.14 -29.38
C GLY B 168 -24.56 -3.75 -28.94
N ALA B 169 -25.57 -3.69 -29.81
CA ALA B 169 -26.88 -4.24 -29.51
C ALA B 169 -26.85 -5.77 -29.60
N LEU B 170 -25.90 -6.31 -30.40
CA LEU B 170 -25.77 -7.74 -30.59
C LEU B 170 -24.50 -8.22 -29.90
N THR B 171 -24.68 -9.05 -28.86
CA THR B 171 -23.56 -9.58 -28.09
C THR B 171 -23.63 -11.10 -28.01
N SER B 172 -24.85 -11.65 -27.94
CA SER B 172 -25.05 -13.09 -27.81
C SER B 172 -24.55 -13.80 -29.07
N GLY B 173 -23.70 -14.82 -28.87
CA GLY B 173 -23.24 -15.68 -29.95
C GLY B 173 -22.08 -15.09 -30.73
N VAL B 174 -21.49 -13.99 -30.22
CA VAL B 174 -20.40 -13.32 -30.90
C VAL B 174 -19.07 -13.96 -30.48
N HIS B 175 -18.24 -14.28 -31.46
CA HIS B 175 -16.87 -14.75 -31.24
C HIS B 175 -15.93 -13.89 -32.09
N THR B 176 -15.12 -13.06 -31.42
CA THR B 176 -14.05 -12.34 -32.08
C THR B 176 -12.73 -13.04 -31.75
N PHE B 177 -12.09 -13.57 -32.79
CA PHE B 177 -10.94 -14.45 -32.61
C PHE B 177 -9.67 -13.63 -32.37
N PRO B 178 -8.66 -14.23 -31.71
CA PRO B 178 -7.33 -13.62 -31.66
C PRO B 178 -6.81 -13.42 -33.07
N ALA B 179 -6.10 -12.29 -33.28
CA ALA B 179 -5.49 -12.01 -34.56
C ALA B 179 -4.35 -13.01 -34.83
N VAL B 180 -4.08 -13.23 -36.11
CA VAL B 180 -2.91 -13.97 -36.53
C VAL B 180 -1.97 -13.00 -37.23
N LEU B 181 -0.66 -13.21 -37.04
CA LEU B 181 0.35 -12.39 -37.69
C LEU B 181 0.76 -13.07 -38.99
N GLN B 182 0.55 -12.39 -40.12
CA GLN B 182 0.87 -12.93 -41.43
C GLN B 182 2.37 -12.72 -41.71
N SER B 183 2.88 -13.45 -42.70
CA SER B 183 4.30 -13.35 -43.04
C SER B 183 4.62 -11.96 -43.61
N SER B 184 3.58 -11.21 -43.99
CA SER B 184 3.70 -9.83 -44.45
C SER B 184 4.04 -8.89 -43.30
N GLY B 185 3.89 -9.35 -42.05
CA GLY B 185 4.08 -8.51 -40.88
C GLY B 185 2.79 -7.76 -40.50
N LEU B 186 1.68 -8.07 -41.17
CA LEU B 186 0.39 -7.47 -40.90
C LEU B 186 -0.52 -8.50 -40.22
N TYR B 187 -1.43 -8.01 -39.37
CA TYR B 187 -2.36 -8.87 -38.66
C TYR B 187 -3.64 -9.06 -39.46
N SER B 188 -4.34 -10.16 -39.15
CA SER B 188 -5.66 -10.45 -39.68
C SER B 188 -6.50 -11.11 -38.59
N LEU B 189 -7.79 -10.77 -38.56
CA LEU B 189 -8.70 -11.20 -37.51
C LEU B 189 -10.07 -11.48 -38.12
N SER B 190 -10.78 -12.48 -37.57
CA SER B 190 -12.17 -12.70 -37.94
C SER B 190 -13.05 -12.50 -36.71
N SER B 191 -14.24 -11.94 -36.95
CA SER B 191 -15.29 -11.85 -35.95
C SER B 191 -16.55 -12.48 -36.51
N VAL B 192 -17.13 -13.44 -35.79
CA VAL B 192 -18.32 -14.13 -36.25
C VAL B 192 -19.43 -14.02 -35.21
N VAL B 193 -20.67 -14.20 -35.66
CA VAL B 193 -21.81 -14.25 -34.78
C VAL B 193 -22.75 -15.32 -35.31
N THR B 194 -23.30 -16.13 -34.41
CA THR B 194 -24.30 -17.11 -34.79
C THR B 194 -25.66 -16.57 -34.36
N VAL B 195 -26.62 -16.60 -35.29
CA VAL B 195 -27.93 -16.04 -35.08
C VAL B 195 -28.96 -17.08 -35.48
N PRO B 196 -30.24 -16.95 -35.05
CA PRO B 196 -31.31 -17.80 -35.56
C PRO B 196 -31.35 -17.77 -37.09
N SER B 197 -31.46 -18.96 -37.70
CA SER B 197 -31.42 -19.11 -39.15
C SER B 197 -32.49 -18.27 -39.82
N SER B 198 -33.66 -18.18 -39.18
CA SER B 198 -34.81 -17.48 -39.74
C SER B 198 -34.58 -15.98 -39.83
N SER B 199 -33.63 -15.45 -39.05
CA SER B 199 -33.44 -14.02 -38.92
C SER B 199 -32.65 -13.43 -40.09
N LEU B 200 -32.09 -14.27 -40.96
CA LEU B 200 -31.27 -13.81 -42.07
C LEU B 200 -32.09 -12.92 -43.01
N GLY B 201 -33.38 -13.21 -43.14
CA GLY B 201 -34.24 -12.48 -44.07
C GLY B 201 -34.77 -11.16 -43.50
N THR B 202 -34.83 -11.04 -42.16
CA THR B 202 -35.63 -10.01 -41.52
C THR B 202 -34.80 -9.06 -40.64
N GLN B 203 -33.52 -9.36 -40.39
CA GLN B 203 -32.71 -8.57 -39.49
C GLN B 203 -31.42 -8.13 -40.19
N THR B 204 -31.01 -6.87 -39.96
CA THR B 204 -29.79 -6.33 -40.53
C THR B 204 -28.62 -6.53 -39.57
N TYR B 205 -27.49 -6.98 -40.11
CA TYR B 205 -26.30 -7.23 -39.31
C TYR B 205 -25.15 -6.38 -39.83
N ILE B 206 -24.53 -5.62 -38.91
CA ILE B 206 -23.44 -4.71 -39.22
C ILE B 206 -22.32 -4.94 -38.23
N CYS B 207 -21.09 -5.13 -38.73
CA CYS B 207 -19.95 -5.21 -37.83
C CYS B 207 -19.28 -3.83 -37.77
N ASN B 208 -18.93 -3.42 -36.55
CA ASN B 208 -18.31 -2.14 -36.29
C ASN B 208 -16.85 -2.35 -35.93
N VAL B 209 -15.95 -2.00 -36.85
CA VAL B 209 -14.53 -2.23 -36.68
C VAL B 209 -13.84 -0.91 -36.33
N ASN B 210 -12.95 -0.95 -35.32
CA ASN B 210 -12.19 0.22 -34.92
C ASN B 210 -10.72 -0.16 -34.76
N HIS B 211 -9.86 0.46 -35.56
CA HIS B 211 -8.42 0.34 -35.42
C HIS B 211 -7.87 1.70 -34.99
N LYS B 212 -7.81 1.91 -33.67
CA LYS B 212 -7.51 3.19 -33.09
C LYS B 212 -6.11 3.68 -33.50
N PRO B 213 -5.08 2.81 -33.56
CA PRO B 213 -3.74 3.27 -33.94
C PRO B 213 -3.65 4.01 -35.28
N SER B 214 -4.56 3.70 -36.23
CA SER B 214 -4.56 4.33 -37.54
C SER B 214 -5.80 5.22 -37.73
N ASN B 215 -6.64 5.36 -36.70
CA ASN B 215 -7.88 6.12 -36.79
C ASN B 215 -8.77 5.59 -37.92
N THR B 216 -8.79 4.26 -38.09
CA THR B 216 -9.60 3.64 -39.13
C THR B 216 -10.81 2.98 -38.47
N LYS B 217 -12.01 3.48 -38.80
CA LYS B 217 -13.26 2.88 -38.38
C LYS B 217 -14.07 2.51 -39.62
N VAL B 218 -14.69 1.33 -39.59
CA VAL B 218 -15.51 0.83 -40.68
C VAL B 218 -16.76 0.17 -40.09
N ASP B 219 -17.94 0.50 -40.65
CA ASP B 219 -19.16 -0.23 -40.38
C ASP B 219 -19.57 -0.98 -41.65
N LYS B 220 -19.58 -2.32 -41.57
CA LYS B 220 -19.80 -3.17 -42.73
C LYS B 220 -21.08 -3.98 -42.53
N LYS B 221 -22.07 -3.75 -43.41
CA LYS B 221 -23.27 -4.57 -43.42
C LYS B 221 -22.96 -5.89 -44.10
N VAL B 222 -23.40 -6.98 -43.48
CA VAL B 222 -23.17 -8.32 -44.00
C VAL B 222 -24.53 -8.89 -44.41
N GLU B 223 -24.66 -9.21 -45.71
CA GLU B 223 -25.92 -9.71 -46.25
C GLU B 223 -25.76 -11.17 -46.68
N PRO B 224 -26.85 -11.98 -46.60
CA PRO B 224 -26.83 -13.36 -47.08
C PRO B 224 -26.45 -13.50 -48.55
N LYS B 225 -25.93 -14.68 -48.89
CA LYS B 225 -25.49 -15.01 -50.24
C LYS B 225 -26.60 -15.79 -50.96
N ASP C 1 7.92 -5.84 -2.57
CA ASP C 1 9.12 -6.44 -3.24
C ASP C 1 9.61 -7.66 -2.46
N ILE C 2 8.76 -8.69 -2.43
CA ILE C 2 9.05 -9.98 -1.81
C ILE C 2 8.85 -11.06 -2.87
N VAL C 3 9.75 -12.06 -2.91
CA VAL C 3 9.64 -13.14 -3.89
C VAL C 3 8.40 -13.97 -3.57
N MET C 4 7.56 -14.22 -4.59
CA MET C 4 6.32 -14.97 -4.43
C MET C 4 6.33 -16.19 -5.34
N THR C 5 5.67 -17.26 -4.88
CA THR C 5 5.53 -18.49 -5.65
C THR C 5 4.06 -18.90 -5.63
N GLN C 6 3.40 -18.72 -6.77
CA GLN C 6 1.98 -19.06 -6.91
C GLN C 6 1.85 -20.44 -7.55
N SER C 7 0.95 -21.26 -7.00
CA SER C 7 0.74 -22.60 -7.51
C SER C 7 -0.76 -22.95 -7.51
N PRO C 8 -1.26 -23.74 -8.49
CA PRO C 8 -0.47 -24.23 -9.62
C PRO C 8 -0.52 -23.23 -10.78
N SER C 9 0.23 -23.52 -11.86
CA SER C 9 0.26 -22.62 -13.01
C SER C 9 -1.07 -22.68 -13.77
N SER C 10 -1.72 -23.85 -13.77
CA SER C 10 -3.03 -23.99 -14.37
C SER C 10 -3.77 -25.15 -13.70
N LEU C 11 -5.11 -25.13 -13.79
CA LEU C 11 -5.91 -26.25 -13.33
C LEU C 11 -7.18 -26.34 -14.15
N SER C 12 -7.74 -27.55 -14.22
CA SER C 12 -9.01 -27.80 -14.85
C SER C 12 -9.92 -28.51 -13.84
N ALA C 13 -11.12 -27.97 -13.62
CA ALA C 13 -12.04 -28.53 -12.66
C ALA C 13 -13.47 -28.42 -13.19
N SER C 14 -14.33 -29.35 -12.73
CA SER C 14 -15.72 -29.36 -13.16
C SER C 14 -16.53 -28.34 -12.36
N VAL C 15 -17.64 -27.91 -12.95
CA VAL C 15 -18.57 -27.01 -12.27
C VAL C 15 -19.03 -27.71 -10.98
N GLY C 16 -18.93 -26.97 -9.86
CA GLY C 16 -19.33 -27.48 -8.56
C GLY C 16 -18.14 -28.01 -7.75
N ASP C 17 -16.97 -28.14 -8.38
CA ASP C 17 -15.79 -28.62 -7.70
C ASP C 17 -15.26 -27.52 -6.78
N ARG C 18 -14.51 -27.95 -5.76
CA ARG C 18 -13.77 -27.04 -4.89
C ARG C 18 -12.38 -26.84 -5.48
N VAL C 19 -11.95 -25.57 -5.58
CA VAL C 19 -10.69 -25.21 -6.19
C VAL C 19 -9.86 -24.43 -5.16
N THR C 20 -8.57 -24.77 -5.04
CA THR C 20 -7.66 -24.03 -4.18
C THR C 20 -6.46 -23.55 -5.02
N ILE C 21 -6.09 -22.29 -4.79
CA ILE C 21 -4.90 -21.67 -5.39
C ILE C 21 -4.08 -21.12 -4.23
N THR C 22 -2.75 -21.35 -4.26
CA THR C 22 -1.92 -20.97 -3.13
C THR C 22 -0.83 -20.00 -3.57
N CYS C 23 -0.36 -19.23 -2.58
N CYS C 23 -0.35 -19.19 -2.60
CA CYS C 23 0.72 -18.27 -2.76
CA CYS C 23 0.76 -18.29 -2.83
C CYS C 23 1.66 -18.39 -1.57
C CYS C 23 1.66 -18.28 -1.60
N ARG C 24 2.97 -18.46 -1.83
CA ARG C 24 3.96 -18.55 -0.78
C ARG C 24 4.95 -17.39 -0.92
N ALA C 25 5.11 -16.62 0.17
CA ALA C 25 6.08 -15.53 0.23
C ALA C 25 7.39 -16.03 0.82
N SER C 26 8.50 -15.48 0.33
CA SER C 26 9.82 -15.95 0.73
C SER C 26 10.18 -15.44 2.12
N GLN C 27 9.53 -14.37 2.57
CA GLN C 27 9.56 -13.98 3.98
C GLN C 27 8.14 -13.59 4.40
N SER C 28 7.93 -13.47 5.72
CA SER C 28 6.60 -13.19 6.24
C SER C 28 6.11 -11.83 5.75
N ILE C 29 4.85 -11.79 5.30
CA ILE C 29 4.22 -10.57 4.84
C ILE C 29 2.92 -10.32 5.60
N THR C 30 2.83 -10.86 6.84
CA THR C 30 1.71 -10.60 7.73
C THR C 30 0.40 -10.93 7.02
N SER C 31 -0.43 -9.91 6.73
CA SER C 31 -1.72 -10.10 6.08
C SER C 31 -1.76 -9.39 4.73
N TYR C 32 -0.58 -9.03 4.21
CA TYR C 32 -0.45 -8.12 3.08
C TYR C 32 -0.50 -8.91 1.77
N LEU C 33 -1.67 -9.50 1.46
CA LEU C 33 -1.80 -10.34 0.29
C LEU C 33 -3.19 -10.12 -0.31
N ASN C 34 -3.22 -9.80 -1.61
CA ASN C 34 -4.46 -9.53 -2.33
C ASN C 34 -4.59 -10.53 -3.47
N TRP C 35 -5.84 -10.76 -3.92
CA TRP C 35 -6.12 -11.65 -5.04
C TRP C 35 -6.90 -10.91 -6.11
N TYR C 36 -6.49 -11.12 -7.37
CA TYR C 36 -7.13 -10.50 -8.53
C TYR C 36 -7.59 -11.59 -9.50
N GLN C 37 -8.69 -11.31 -10.20
CA GLN C 37 -9.20 -12.18 -11.24
C GLN C 37 -9.10 -11.43 -12.57
N GLN C 38 -8.49 -12.07 -13.57
CA GLN C 38 -8.41 -11.45 -14.89
C GLN C 38 -9.09 -12.35 -15.93
N LYS C 39 -10.25 -11.90 -16.40
CA LYS C 39 -10.99 -12.57 -17.46
C LYS C 39 -10.36 -12.22 -18.81
N PRO C 40 -10.60 -13.04 -19.85
CA PRO C 40 -10.08 -12.75 -21.20
C PRO C 40 -10.44 -11.35 -21.70
N GLY C 41 -9.40 -10.60 -22.11
CA GLY C 41 -9.58 -9.30 -22.75
C GLY C 41 -10.00 -8.21 -21.78
N LYS C 42 -9.89 -8.48 -20.47
CA LYS C 42 -10.30 -7.54 -19.44
C LYS C 42 -9.10 -7.23 -18.54
N ALA C 43 -9.16 -6.08 -17.86
CA ALA C 43 -8.20 -5.75 -16.83
C ALA C 43 -8.40 -6.68 -15.63
N PRO C 44 -7.35 -6.89 -14.80
CA PRO C 44 -7.53 -7.55 -13.51
C PRO C 44 -8.58 -6.82 -12.68
N LYS C 45 -9.30 -7.59 -11.85
CA LYS C 45 -10.31 -7.08 -10.93
C LYS C 45 -9.98 -7.62 -9.52
N LEU C 46 -10.04 -6.73 -8.52
CA LEU C 46 -9.78 -7.12 -7.14
C LEU C 46 -10.89 -8.05 -6.67
N LEU C 47 -10.51 -9.21 -6.12
CA LEU C 47 -11.46 -10.16 -5.54
C LEU C 47 -11.36 -10.12 -4.02
N ILE C 48 -10.13 -10.21 -3.50
CA ILE C 48 -9.87 -10.31 -2.08
C ILE C 48 -8.71 -9.38 -1.73
N TYR C 49 -8.84 -8.65 -0.61
CA TYR C 49 -7.76 -7.79 -0.16
C TYR C 49 -7.44 -8.07 1.30
N ALA C 50 -6.22 -7.75 1.70
CA ALA C 50 -5.76 -7.92 3.07
C ALA C 50 -6.01 -9.34 3.55
N SER C 51 -5.69 -10.31 2.68
CA SER C 51 -5.70 -11.75 2.94
C SER C 51 -7.10 -12.34 2.85
N SER C 52 -8.09 -11.72 3.49
CA SER C 52 -9.38 -12.37 3.71
C SER C 52 -10.60 -11.48 3.44
N SER C 53 -10.42 -10.18 3.15
CA SER C 53 -11.56 -9.31 2.93
C SER C 53 -12.10 -9.47 1.51
N LEU C 54 -13.39 -9.78 1.40
CA LEU C 54 -14.06 -9.95 0.11
C LEU C 54 -14.45 -8.59 -0.45
N GLN C 55 -14.11 -8.34 -1.73
CA GLN C 55 -14.56 -7.16 -2.43
C GLN C 55 -16.09 -7.16 -2.54
N SER C 56 -16.71 -5.99 -2.42
CA SER C 56 -18.16 -5.90 -2.49
C SER C 56 -18.64 -6.32 -3.87
N GLY C 57 -19.68 -7.16 -3.90
CA GLY C 57 -20.28 -7.61 -5.14
C GLY C 57 -19.72 -8.96 -5.61
N VAL C 58 -18.64 -9.42 -4.97
CA VAL C 58 -18.02 -10.69 -5.33
C VAL C 58 -18.74 -11.81 -4.60
N PRO C 59 -19.15 -12.90 -5.30
CA PRO C 59 -19.82 -14.03 -4.65
C PRO C 59 -19.03 -14.63 -3.49
N SER C 60 -19.78 -15.16 -2.50
CA SER C 60 -19.20 -15.63 -1.26
C SER C 60 -18.56 -17.01 -1.42
N ARG C 61 -18.65 -17.60 -2.62
CA ARG C 61 -17.96 -18.86 -2.89
C ARG C 61 -16.45 -18.63 -2.95
N PHE C 62 -16.03 -17.36 -3.12
CA PHE C 62 -14.63 -16.98 -3.06
C PHE C 62 -14.23 -16.58 -1.64
N SER C 63 -13.20 -17.22 -1.10
CA SER C 63 -12.67 -16.89 0.21
C SER C 63 -11.15 -16.91 0.19
N GLY C 64 -10.56 -16.03 0.99
CA GLY C 64 -9.12 -15.97 1.15
C GLY C 64 -8.73 -16.25 2.60
N SER C 65 -7.59 -16.92 2.77
CA SER C 65 -7.08 -17.23 4.10
C SER C 65 -5.57 -17.22 4.09
N GLY C 66 -4.99 -17.30 5.29
CA GLY C 66 -3.55 -17.38 5.44
C GLY C 66 -2.98 -16.17 6.16
N SER C 67 -1.71 -16.28 6.51
CA SER C 67 -0.94 -15.24 7.15
C SER C 67 0.53 -15.64 7.06
N GLY C 68 1.43 -14.68 7.31
CA GLY C 68 2.85 -14.98 7.31
C GLY C 68 3.38 -15.22 5.91
N THR C 69 3.64 -16.49 5.57
CA THR C 69 4.26 -16.84 4.31
C THR C 69 3.28 -17.57 3.37
N ASP C 70 2.16 -18.08 3.88
CA ASP C 70 1.35 -19.01 3.09
C ASP C 70 -0.10 -18.54 3.02
N PHE C 71 -0.61 -18.38 1.79
CA PHE C 71 -1.94 -17.85 1.54
C PHE C 71 -2.68 -18.74 0.56
N THR C 72 -4.02 -18.82 0.72
CA THR C 72 -4.86 -19.67 -0.10
C THR C 72 -6.09 -18.89 -0.56
N LEU C 73 -6.39 -18.98 -1.86
CA LEU C 73 -7.67 -18.58 -2.43
C LEU C 73 -8.48 -19.86 -2.63
N THR C 74 -9.71 -19.88 -2.11
CA THR C 74 -10.58 -21.04 -2.25
C THR C 74 -11.85 -20.65 -3.01
N ILE C 75 -12.23 -21.49 -3.98
CA ILE C 75 -13.53 -21.41 -4.63
C ILE C 75 -14.31 -22.66 -4.24
N SER C 76 -15.39 -22.49 -3.48
CA SER C 76 -16.08 -23.61 -2.85
C SER C 76 -16.89 -24.41 -3.86
N SER C 77 -17.37 -23.72 -4.91
CA SER C 77 -18.16 -24.34 -5.96
C SER C 77 -17.89 -23.62 -7.28
N LEU C 78 -17.03 -24.20 -8.11
CA LEU C 78 -16.59 -23.57 -9.34
C LEU C 78 -17.79 -23.41 -10.28
N GLN C 79 -17.91 -22.23 -10.88
CA GLN C 79 -18.97 -21.92 -11.84
C GLN C 79 -18.36 -21.62 -13.19
N PRO C 80 -19.12 -21.79 -14.31
CA PRO C 80 -18.61 -21.50 -15.65
C PRO C 80 -17.98 -20.12 -15.80
N GLU C 81 -18.61 -19.11 -15.18
CA GLU C 81 -18.22 -17.72 -15.37
C GLU C 81 -16.95 -17.39 -14.61
N ASP C 82 -16.40 -18.34 -13.84
CA ASP C 82 -15.20 -18.12 -13.05
C ASP C 82 -13.93 -18.25 -13.88
N PHE C 83 -14.06 -18.73 -15.12
CA PHE C 83 -12.93 -18.90 -16.02
C PHE C 83 -12.09 -17.62 -16.06
N ALA C 84 -10.79 -17.75 -15.73
CA ALA C 84 -9.92 -16.59 -15.60
C ALA C 84 -8.51 -17.03 -15.26
N THR C 85 -7.59 -16.06 -15.32
CA THR C 85 -6.29 -16.18 -14.67
C THR C 85 -6.38 -15.40 -13.38
N PHE C 86 -6.01 -16.05 -12.27
CA PHE C 86 -6.00 -15.43 -10.97
C PHE C 86 -4.57 -15.10 -10.59
N TYR C 87 -4.37 -13.94 -9.94
CA TYR C 87 -3.06 -13.49 -9.50
C TYR C 87 -3.12 -13.09 -8.03
N CYS C 88 -2.14 -13.54 -7.26
CA CYS C 88 -1.92 -12.93 -5.95
C CYS C 88 -0.99 -11.73 -6.10
N GLN C 89 -0.95 -10.90 -5.06
CA GLN C 89 -0.11 -9.72 -5.04
C GLN C 89 0.24 -9.40 -3.59
N GLU C 90 1.53 -9.39 -3.26
CA GLU C 90 1.95 -9.00 -1.92
C GLU C 90 2.00 -7.48 -1.82
N SER C 91 1.71 -6.95 -0.63
CA SER C 91 1.72 -5.52 -0.40
C SER C 91 2.55 -5.16 0.84
N TYR C 92 3.65 -5.89 1.04
CA TYR C 92 4.62 -5.57 2.07
C TYR C 92 5.37 -4.28 1.73
N SER C 93 5.71 -4.12 0.44
CA SER C 93 6.49 -2.98 0.00
C SER C 93 6.33 -2.76 -1.50
N THR C 94 6.60 -1.51 -1.94
CA THR C 94 6.76 -1.23 -3.36
C THR C 94 8.21 -1.55 -3.76
N PRO C 95 8.47 -2.05 -4.99
CA PRO C 95 7.43 -2.48 -5.93
C PRO C 95 6.76 -3.78 -5.48
N PRO C 96 5.42 -3.88 -5.56
CA PRO C 96 4.71 -5.08 -5.13
C PRO C 96 4.94 -6.22 -6.13
N THR C 97 5.21 -7.42 -5.63
CA THR C 97 5.34 -8.59 -6.48
C THR C 97 3.98 -9.21 -6.71
N PHE C 98 3.64 -9.42 -7.99
CA PHE C 98 2.50 -10.24 -8.38
C PHE C 98 2.97 -11.69 -8.56
N GLY C 99 2.11 -12.62 -8.15
CA GLY C 99 2.30 -14.02 -8.44
C GLY C 99 2.28 -14.28 -9.94
N GLN C 100 2.73 -15.48 -10.31
CA GLN C 100 2.94 -15.86 -11.70
C GLN C 100 1.60 -16.15 -12.39
N GLY C 101 0.55 -16.36 -11.60
CA GLY C 101 -0.80 -16.54 -12.12
C GLY C 101 -1.22 -18.01 -12.11
N THR C 102 -2.53 -18.24 -12.05
CA THR C 102 -3.12 -19.57 -12.17
C THR C 102 -4.25 -19.48 -13.18
N LYS C 103 -4.13 -20.23 -14.29
CA LYS C 103 -5.19 -20.25 -15.28
C LYS C 103 -6.20 -21.34 -14.90
N VAL C 104 -7.44 -20.93 -14.62
CA VAL C 104 -8.50 -21.84 -14.22
C VAL C 104 -9.33 -22.16 -15.47
N GLU C 105 -9.30 -23.44 -15.87
CA GLU C 105 -10.08 -23.94 -16.99
C GLU C 105 -11.22 -24.79 -16.44
N ILE C 106 -12.36 -24.77 -17.14
CA ILE C 106 -13.53 -25.50 -16.68
C ILE C 106 -13.70 -26.76 -17.52
N LYS C 107 -13.85 -27.89 -16.81
CA LYS C 107 -14.06 -29.19 -17.44
C LYS C 107 -15.56 -29.40 -17.61
N ARG C 108 -15.95 -29.89 -18.80
CA ARG C 108 -17.36 -30.12 -19.11
C ARG C 108 -17.47 -31.36 -20.00
N THR C 109 -18.71 -31.70 -20.37
CA THR C 109 -18.97 -32.84 -21.25
C THR C 109 -18.47 -32.53 -22.65
N VAL C 110 -18.27 -33.58 -23.45
CA VAL C 110 -17.80 -33.41 -24.82
C VAL C 110 -18.87 -32.67 -25.62
N ALA C 111 -18.42 -31.72 -26.46
CA ALA C 111 -19.27 -31.06 -27.42
C ALA C 111 -18.58 -31.08 -28.78
N ALA C 112 -19.32 -31.46 -29.82
CA ALA C 112 -18.75 -31.59 -31.14
C ALA C 112 -18.83 -30.24 -31.84
N PRO C 113 -17.84 -29.89 -32.69
CA PRO C 113 -17.91 -28.67 -33.47
C PRO C 113 -19.01 -28.78 -34.52
N SER C 114 -19.75 -27.68 -34.70
CA SER C 114 -20.51 -27.44 -35.92
C SER C 114 -19.59 -26.73 -36.92
N VAL C 115 -19.50 -27.25 -38.15
CA VAL C 115 -18.50 -26.79 -39.09
C VAL C 115 -19.17 -25.98 -40.20
N PHE C 116 -18.67 -24.76 -40.41
CA PHE C 116 -19.19 -23.85 -41.43
C PHE C 116 -18.03 -23.34 -42.28
N ILE C 117 -18.32 -23.02 -43.55
CA ILE C 117 -17.30 -22.57 -44.47
C ILE C 117 -17.80 -21.32 -45.20
N PHE C 118 -16.86 -20.41 -45.49
CA PHE C 118 -17.15 -19.13 -46.12
C PHE C 118 -16.22 -18.94 -47.32
N PRO C 119 -16.76 -18.80 -48.55
CA PRO C 119 -15.95 -18.44 -49.70
C PRO C 119 -15.42 -17.02 -49.54
N PRO C 120 -14.40 -16.62 -50.32
CA PRO C 120 -13.95 -15.23 -50.34
C PRO C 120 -15.06 -14.34 -50.91
N SER C 121 -15.06 -13.09 -50.46
CA SER C 121 -15.99 -12.08 -50.94
C SER C 121 -15.53 -11.58 -52.30
N ASP C 122 -16.49 -11.14 -53.13
CA ASP C 122 -16.17 -10.56 -54.43
C ASP C 122 -15.34 -9.29 -54.23
N GLU C 123 -15.63 -8.54 -53.15
CA GLU C 123 -14.90 -7.33 -52.84
C GLU C 123 -13.42 -7.64 -52.64
N GLN C 124 -13.12 -8.76 -51.96
CA GLN C 124 -11.74 -9.10 -51.67
C GLN C 124 -11.03 -9.53 -52.95
N LEU C 125 -11.71 -10.37 -53.75
CA LEU C 125 -11.14 -10.88 -54.99
C LEU C 125 -10.65 -9.73 -55.86
N LYS C 126 -11.41 -8.62 -55.90
CA LYS C 126 -11.06 -7.47 -56.73
C LYS C 126 -9.66 -6.94 -56.39
N SER C 127 -9.28 -6.98 -55.11
CA SER C 127 -8.02 -6.42 -54.65
C SER C 127 -6.86 -7.40 -54.85
N GLY C 128 -7.15 -8.63 -55.28
CA GLY C 128 -6.14 -9.54 -55.81
C GLY C 128 -5.80 -10.70 -54.87
N THR C 129 -6.54 -10.85 -53.76
CA THR C 129 -6.30 -11.93 -52.81
C THR C 129 -7.62 -12.65 -52.52
N ALA C 130 -7.51 -13.91 -52.08
CA ALA C 130 -8.66 -14.70 -51.66
C ALA C 130 -8.39 -15.29 -50.27
N SER C 131 -9.32 -15.06 -49.34
CA SER C 131 -9.31 -15.68 -48.03
C SER C 131 -10.52 -16.61 -47.91
N VAL C 132 -10.27 -17.89 -47.64
CA VAL C 132 -11.32 -18.87 -47.41
C VAL C 132 -11.32 -19.22 -45.92
N VAL C 133 -12.51 -19.17 -45.29
CA VAL C 133 -12.60 -19.29 -43.84
C VAL C 133 -13.43 -20.50 -43.45
N CYS C 134 -12.89 -21.29 -42.53
CA CYS C 134 -13.56 -22.43 -41.94
C CYS C 134 -13.77 -22.14 -40.46
N LEU C 135 -15.02 -22.30 -39.99
CA LEU C 135 -15.39 -22.02 -38.61
C LEU C 135 -15.85 -23.31 -37.93
N LEU C 136 -15.24 -23.61 -36.76
CA LEU C 136 -15.61 -24.70 -35.89
C LEU C 136 -16.26 -24.10 -34.65
N ASN C 137 -17.56 -24.33 -34.45
CA ASN C 137 -18.30 -23.58 -33.44
C ASN C 137 -18.66 -24.49 -32.26
N ASN C 138 -18.28 -24.03 -31.05
CA ASN C 138 -18.85 -24.50 -29.78
C ASN C 138 -18.49 -25.96 -29.51
N PHE C 139 -17.20 -26.24 -29.34
CA PHE C 139 -16.71 -27.60 -29.10
C PHE C 139 -15.92 -27.68 -27.80
N TYR C 140 -15.77 -28.91 -27.32
CA TYR C 140 -14.98 -29.22 -26.12
C TYR C 140 -14.59 -30.69 -26.18
N PRO C 141 -13.34 -31.10 -25.89
CA PRO C 141 -12.26 -30.22 -25.44
C PRO C 141 -11.61 -29.39 -26.55
N ARG C 142 -10.52 -28.69 -26.21
CA ARG C 142 -9.94 -27.67 -27.08
C ARG C 142 -9.23 -28.29 -28.29
N GLU C 143 -8.74 -29.53 -28.17
CA GLU C 143 -7.92 -30.12 -29.22
C GLU C 143 -8.78 -30.43 -30.45
N ALA C 144 -8.35 -29.87 -31.59
CA ALA C 144 -9.04 -30.03 -32.86
C ALA C 144 -8.02 -29.90 -33.99
N LYS C 145 -8.26 -30.57 -35.11
CA LYS C 145 -7.42 -30.45 -36.28
C LYS C 145 -8.26 -30.04 -37.49
N VAL C 146 -7.74 -29.06 -38.25
CA VAL C 146 -8.35 -28.60 -39.50
C VAL C 146 -7.39 -28.93 -40.63
N GLN C 147 -7.95 -29.45 -41.74
CA GLN C 147 -7.19 -29.78 -42.92
C GLN C 147 -7.89 -29.18 -44.14
N TRP C 148 -7.18 -28.33 -44.88
CA TRP C 148 -7.70 -27.70 -46.08
C TRP C 148 -7.41 -28.56 -47.31
N LYS C 149 -8.39 -28.64 -48.22
CA LYS C 149 -8.21 -29.31 -49.49
C LYS C 149 -8.78 -28.42 -50.61
N VAL C 150 -8.03 -28.33 -51.71
CA VAL C 150 -8.44 -27.59 -52.89
C VAL C 150 -8.35 -28.54 -54.09
N ASP C 151 -9.52 -28.94 -54.61
CA ASP C 151 -9.61 -29.95 -55.66
C ASP C 151 -8.82 -31.19 -55.22
N ASN C 152 -8.99 -31.56 -53.94
CA ASN C 152 -8.44 -32.75 -53.33
C ASN C 152 -6.94 -32.64 -53.11
N ALA C 153 -6.36 -31.45 -53.32
CA ALA C 153 -4.96 -31.21 -52.97
C ALA C 153 -4.87 -30.73 -51.52
N LEU C 154 -4.17 -31.50 -50.67
CA LEU C 154 -3.94 -31.12 -49.29
C LEU C 154 -3.09 -29.85 -49.24
N GLN C 155 -3.60 -28.84 -48.51
CA GLN C 155 -2.88 -27.58 -48.36
C GLN C 155 -1.99 -27.69 -47.13
N SER C 156 -0.72 -27.28 -47.28
CA SER C 156 0.23 -27.29 -46.19
C SER C 156 1.02 -25.98 -46.20
N GLY C 157 0.89 -25.20 -45.11
CA GLY C 157 1.71 -24.03 -44.90
C GLY C 157 1.05 -22.73 -45.37
N ASN C 158 -0.18 -22.80 -45.91
CA ASN C 158 -0.82 -21.60 -46.43
C ASN C 158 -2.13 -21.32 -45.68
N SER C 159 -2.23 -21.82 -44.43
CA SER C 159 -3.36 -21.47 -43.58
C SER C 159 -2.87 -21.05 -42.19
N GLN C 160 -3.69 -20.27 -41.49
CA GLN C 160 -3.45 -19.90 -40.11
C GLN C 160 -4.77 -20.01 -39.34
N GLU C 161 -4.70 -20.29 -38.05
CA GLU C 161 -5.90 -20.48 -37.25
C GLU C 161 -5.71 -19.85 -35.88
N SER C 162 -6.83 -19.54 -35.23
CA SER C 162 -6.84 -19.15 -33.83
C SER C 162 -8.12 -19.64 -33.16
N VAL C 163 -8.06 -19.72 -31.83
CA VAL C 163 -9.10 -20.31 -31.02
C VAL C 163 -9.52 -19.28 -29.97
N THR C 164 -10.84 -19.23 -29.68
CA THR C 164 -11.35 -18.35 -28.64
C THR C 164 -10.98 -18.91 -27.28
N GLU C 165 -11.12 -18.06 -26.25
CA GLU C 165 -11.05 -18.51 -24.88
C GLU C 165 -12.37 -19.20 -24.54
N GLN C 166 -12.31 -20.04 -23.50
CA GLN C 166 -13.47 -20.77 -23.04
C GLN C 166 -14.62 -19.81 -22.77
N ASP C 167 -15.80 -20.14 -23.30
CA ASP C 167 -16.97 -19.31 -23.18
C ASP C 167 -17.43 -19.30 -21.73
N SER C 168 -17.85 -18.12 -21.25
CA SER C 168 -18.18 -17.90 -19.85
C SER C 168 -19.49 -18.58 -19.46
N LYS C 169 -20.29 -18.99 -20.46
CA LYS C 169 -21.61 -19.55 -20.21
C LYS C 169 -21.59 -21.07 -20.38
N ASP C 170 -21.10 -21.55 -21.53
CA ASP C 170 -21.20 -22.96 -21.89
C ASP C 170 -19.85 -23.67 -21.89
N SER C 171 -18.75 -22.93 -21.64
CA SER C 171 -17.43 -23.50 -21.43
C SER C 171 -16.88 -24.17 -22.70
N THR C 172 -17.38 -23.80 -23.89
CA THR C 172 -16.88 -24.35 -25.13
C THR C 172 -15.86 -23.40 -25.78
N TYR C 173 -15.17 -23.95 -26.79
CA TYR C 173 -14.27 -23.20 -27.66
C TYR C 173 -14.87 -23.06 -29.06
N SER C 174 -14.37 -22.07 -29.80
CA SER C 174 -14.59 -21.97 -31.24
C SER C 174 -13.25 -21.70 -31.91
N LEU C 175 -13.14 -22.07 -33.19
CA LEU C 175 -11.89 -21.95 -33.93
C LEU C 175 -12.18 -21.45 -35.34
N SER C 176 -11.34 -20.53 -35.81
CA SER C 176 -11.39 -19.98 -37.16
C SER C 176 -10.09 -20.33 -37.87
N SER C 177 -10.18 -20.88 -39.09
CA SER C 177 -9.02 -21.16 -39.92
C SER C 177 -9.17 -20.44 -41.24
N THR C 178 -8.12 -19.73 -41.67
CA THR C 178 -8.12 -18.99 -42.93
C THR C 178 -7.08 -19.58 -43.87
N LEU C 179 -7.53 -19.97 -45.06
CA LEU C 179 -6.66 -20.34 -46.17
C LEU C 179 -6.49 -19.14 -47.09
N THR C 180 -5.24 -18.80 -47.44
CA THR C 180 -4.95 -17.66 -48.30
C THR C 180 -4.46 -18.17 -49.66
N LEU C 181 -5.03 -17.60 -50.73
CA LEU C 181 -4.58 -17.82 -52.10
C LEU C 181 -4.57 -16.47 -52.81
N SER C 182 -3.86 -16.39 -53.94
CA SER C 182 -4.02 -15.28 -54.86
C SER C 182 -5.35 -15.42 -55.61
N LYS C 183 -5.87 -14.32 -56.15
CA LYS C 183 -7.10 -14.37 -56.92
C LYS C 183 -6.97 -15.34 -58.08
N ALA C 184 -5.84 -15.27 -58.80
CA ALA C 184 -5.59 -16.09 -59.97
C ALA C 184 -5.72 -17.57 -59.63
N ASP C 185 -5.12 -17.97 -58.50
CA ASP C 185 -5.12 -19.36 -58.07
C ASP C 185 -6.53 -19.80 -57.66
N TYR C 186 -7.23 -18.92 -56.92
CA TYR C 186 -8.58 -19.23 -56.47
C TYR C 186 -9.47 -19.58 -57.66
N GLU C 187 -9.30 -18.84 -58.75
CA GLU C 187 -10.19 -18.95 -59.91
C GLU C 187 -9.84 -20.18 -60.76
N LYS C 188 -8.70 -20.82 -60.48
CA LYS C 188 -8.29 -21.99 -61.24
C LYS C 188 -8.89 -23.28 -60.69
N HIS C 189 -9.48 -23.24 -59.50
CA HIS C 189 -9.94 -24.45 -58.83
C HIS C 189 -11.43 -24.36 -58.50
N LYS C 190 -12.03 -25.52 -58.19
CA LYS C 190 -13.47 -25.64 -58.03
C LYS C 190 -13.84 -25.95 -56.57
N VAL C 191 -13.41 -27.11 -56.06
CA VAL C 191 -13.88 -27.62 -54.78
C VAL C 191 -12.94 -27.14 -53.67
N TYR C 192 -13.50 -26.38 -52.72
CA TYR C 192 -12.78 -25.91 -51.54
C TYR C 192 -13.38 -26.60 -50.32
N ALA C 193 -12.54 -27.28 -49.55
CA ALA C 193 -13.02 -28.15 -48.49
C ALA C 193 -12.18 -27.98 -47.24
N CYS C 194 -12.82 -27.98 -46.07
N CYS C 194 -12.85 -28.09 -46.09
CA CYS C 194 -12.10 -28.08 -44.82
CA CYS C 194 -12.25 -28.04 -44.77
C CYS C 194 -12.61 -29.32 -44.08
C CYS C 194 -12.64 -29.33 -44.03
N GLU C 195 -11.66 -30.07 -43.54
CA GLU C 195 -11.91 -31.36 -42.91
C GLU C 195 -11.51 -31.28 -41.44
N VAL C 196 -12.45 -31.64 -40.55
CA VAL C 196 -12.29 -31.38 -39.13
C VAL C 196 -12.24 -32.69 -38.37
N THR C 197 -11.22 -32.81 -37.50
CA THR C 197 -11.08 -33.94 -36.59
C THR C 197 -11.27 -33.44 -35.16
N HIS C 198 -12.10 -34.15 -34.39
CA HIS C 198 -12.39 -33.80 -33.00
C HIS C 198 -12.97 -35.01 -32.29
N GLN C 199 -12.72 -35.11 -30.98
CA GLN C 199 -13.15 -36.23 -30.15
C GLN C 199 -14.66 -36.45 -30.26
N GLY C 200 -15.42 -35.37 -30.38
CA GLY C 200 -16.88 -35.42 -30.36
C GLY C 200 -17.47 -35.87 -31.70
N LEU C 201 -16.62 -35.99 -32.73
CA LEU C 201 -17.04 -36.49 -34.03
C LEU C 201 -16.73 -37.98 -34.13
N SER C 202 -17.56 -38.73 -34.88
CA SER C 202 -17.37 -40.16 -35.04
C SER C 202 -16.23 -40.44 -36.03
N SER C 203 -16.09 -39.54 -37.01
CA SER C 203 -14.96 -39.57 -37.93
C SER C 203 -14.80 -38.17 -38.52
N PRO C 204 -13.70 -37.88 -39.25
CA PRO C 204 -13.49 -36.53 -39.78
C PRO C 204 -14.66 -36.04 -40.61
N VAL C 205 -15.11 -34.81 -40.32
CA VAL C 205 -16.23 -34.17 -40.98
C VAL C 205 -15.69 -33.22 -42.04
N THR C 206 -16.11 -33.42 -43.30
CA THR C 206 -15.75 -32.49 -44.36
C THR C 206 -16.91 -31.53 -44.60
N LYS C 207 -16.55 -30.26 -44.82
CA LYS C 207 -17.49 -29.22 -45.20
C LYS C 207 -16.87 -28.48 -46.38
N SER C 208 -17.60 -28.39 -47.50
CA SER C 208 -17.03 -27.88 -48.73
C SER C 208 -18.03 -27.02 -49.49
N PHE C 209 -17.51 -26.25 -50.45
CA PHE C 209 -18.34 -25.58 -51.43
C PHE C 209 -17.67 -25.70 -52.80
N ASN C 210 -18.48 -25.57 -53.86
CA ASN C 210 -17.95 -25.44 -55.21
C ASN C 210 -18.01 -23.97 -55.60
N ARG C 211 -16.88 -23.42 -56.06
CA ARG C 211 -16.79 -22.03 -56.45
C ARG C 211 -17.82 -21.75 -57.55
N GLY C 212 -18.63 -20.70 -57.34
CA GLY C 212 -19.73 -20.37 -58.25
C GLY C 212 -21.04 -20.98 -57.78
N GLU C 213 -21.07 -22.31 -57.67
CA GLU C 213 -22.25 -23.05 -57.27
C GLU C 213 -22.49 -22.88 -55.76
C1 GOL D . 10.76 25.38 25.31
O1 GOL D . 9.50 25.53 24.65
C2 GOL D . 11.91 25.41 24.32
O2 GOL D . 13.14 25.26 25.04
C3 GOL D . 11.95 26.70 23.51
O3 GOL D . 12.91 26.63 22.46
C1 GOL E . -8.66 2.54 1.74
O1 GOL E . -8.60 3.81 1.11
C2 GOL E . -9.87 2.40 2.63
O2 GOL E . -10.18 3.66 3.23
C3 GOL E . -9.69 1.37 3.72
O3 GOL E . -8.61 1.69 4.58
#